data_3D7U
#
_entry.id   3D7U
#
_cell.length_a   135.839
_cell.length_b   135.839
_cell.length_c   129.509
_cell.angle_alpha   90.00
_cell.angle_beta   90.00
_cell.angle_gamma   120.00
#
_symmetry.space_group_name_H-M   'P 31'
#
loop_
_entity.id
_entity.type
_entity.pdbx_description
1 polymer 'Tyrosine-protein kinase CSK'
2 polymer 'Proto-oncogene tyrosine-protein kinase Src'
#
loop_
_entity_poly.entity_id
_entity_poly.type
_entity_poly.pdbx_seq_one_letter_code
_entity_poly.pdbx_strand_id
1 'polypeptide(L)'
;WALNMKELKLLQTIGKGEFGDVMLGDYRGNKVAVKCIKNDATAQAFLAEASVMTQLRHSNLVQLLGVIVEEKGGLYIVTE
YMAKGSLVDYLRSRGRSVLGGDCLLKFSLDVCEAMEYLEGNNFVHRDLAARNVLVSEDNVAKVSDFGLTKEASSTQDTGK
LPVKWTAPEALREKKFSTKSDVWSFGILLWEIYSFGRVPYPRIPLKDVVPRVEKGYKMDAPDGCPPAVYEVMKNCWHLDA
AMRPSFLQLREQLEHIKTHELHL
;
A,C
2 'polypeptide(L)'
;KDAWEIPRESLRLEVKLGQGCFGEVWMGTWNGTTRVAIKTLKPGTMSPEAFLQEAQVMKKLRHEKLVQLYAVVSEEPIYI
VTEYMSKGSLLDFLKGEMGKYLRLPQLVDMAAQIASGMAYVERMNYVHRDLRAANILVGENLVCKVADFGLARLIEDNEY
TARQGAKFPIKWTAPEAALYGRFTIKSDVWSFGILLTELTTKGRVPYPGMVNREVLDQVERGYRMPCPPECPESLHDLMC
QCWRKDPEERPTFEYLQAFLEDYFTSTEPQYQPGENL
;
B,D
#
# COMPACT_ATOMS: atom_id res chain seq x y z
N TRP A 1 22.00 31.17 20.88
CA TRP A 1 22.26 29.77 20.58
C TRP A 1 23.59 29.50 19.86
N ALA A 2 24.37 30.55 19.62
CA ALA A 2 25.64 30.39 18.93
C ALA A 2 26.75 29.92 19.88
N LEU A 3 27.51 28.93 19.43
CA LEU A 3 28.63 28.39 20.21
C LEU A 3 29.93 28.70 19.47
N ASN A 4 31.07 28.55 20.14
CA ASN A 4 32.36 28.83 19.49
C ASN A 4 33.16 27.54 19.29
N MET A 5 33.56 27.32 18.05
CA MET A 5 34.32 26.13 17.67
C MET A 5 35.60 25.93 18.48
N LYS A 6 36.25 27.02 18.87
CA LYS A 6 37.49 26.92 19.64
C LYS A 6 37.29 26.27 21.00
N GLU A 7 36.06 26.31 21.52
CA GLU A 7 35.78 25.71 22.82
C GLU A 7 35.23 24.29 22.71
N LEU A 8 35.14 23.79 21.48
CA LEU A 8 34.64 22.45 21.24
C LEU A 8 35.75 21.53 20.77
N LYS A 9 35.98 20.43 21.50
CA LYS A 9 36.99 19.48 21.09
C LYS A 9 36.27 18.15 20.78
N LEU A 10 36.27 17.77 19.50
CA LEU A 10 35.61 16.54 19.07
C LEU A 10 36.44 15.34 19.48
N LEU A 11 35.97 14.63 20.50
CA LEU A 11 36.69 13.46 21.03
C LEU A 11 36.56 12.19 20.20
N GLN A 12 35.35 11.66 20.02
CA GLN A 12 35.22 10.44 19.24
C GLN A 12 33.87 10.36 18.54
N THR A 13 33.76 9.50 17.54
CA THR A 13 32.53 9.33 16.79
C THR A 13 31.66 8.27 17.47
N ILE A 14 30.49 8.68 17.97
CA ILE A 14 29.61 7.74 18.65
C ILE A 14 28.83 6.90 17.65
N GLY A 15 28.53 7.47 16.50
CA GLY A 15 27.79 6.74 15.50
C GLY A 15 27.84 7.39 14.13
N LYS A 16 28.03 6.58 13.10
CA LYS A 16 28.06 7.07 11.73
C LYS A 16 26.80 6.52 11.07
N GLY A 17 25.78 7.37 10.98
CA GLY A 17 24.52 6.95 10.40
C GLY A 17 24.32 7.35 8.95
N GLU A 18 23.17 6.96 8.41
CA GLU A 18 22.85 7.25 7.04
C GLU A 18 22.50 8.72 6.79
N PHE A 19 21.87 9.39 7.74
CA PHE A 19 21.50 10.78 7.52
C PHE A 19 22.33 11.81 8.28
N GLY A 20 23.25 11.33 9.12
CA GLY A 20 24.10 12.22 9.88
C GLY A 20 25.08 11.46 10.75
N ASP A 21 25.99 12.19 11.39
CA ASP A 21 26.97 11.58 12.27
C ASP A 21 26.85 12.18 13.66
N VAL A 22 27.20 11.41 14.68
CA VAL A 22 27.15 11.93 16.03
C VAL A 22 28.48 11.64 16.70
N MET A 23 29.04 12.64 17.36
CA MET A 23 30.31 12.52 18.02
C MET A 23 30.25 13.00 19.45
N LEU A 24 31.02 12.36 20.32
CA LEU A 24 31.09 12.76 21.72
C LEU A 24 32.08 13.90 21.70
N GLY A 25 31.82 14.94 22.49
CA GLY A 25 32.74 16.05 22.48
C GLY A 25 32.92 16.68 23.84
N ASP A 26 33.75 17.71 23.89
CA ASP A 26 34.01 18.43 25.11
C ASP A 26 33.83 19.89 24.80
N TYR A 27 32.86 20.51 25.46
CA TYR A 27 32.60 21.92 25.25
C TYR A 27 32.69 22.64 26.59
N ARG A 28 33.70 23.50 26.71
CA ARG A 28 33.90 24.25 27.92
C ARG A 28 33.93 23.31 29.13
N GLY A 29 34.61 22.18 28.96
CA GLY A 29 34.75 21.22 30.05
C GLY A 29 33.71 20.15 30.24
N ASN A 30 32.58 20.25 29.55
CA ASN A 30 31.54 19.25 29.70
C ASN A 30 31.34 18.37 28.50
N LYS A 31 31.07 17.09 28.75
CA LYS A 31 30.82 16.16 27.67
C LYS A 31 29.58 16.68 26.94
N VAL A 32 29.59 16.57 25.62
CA VAL A 32 28.49 17.06 24.82
C VAL A 32 28.33 16.18 23.57
N ALA A 33 27.17 16.25 22.92
CA ALA A 33 26.96 15.47 21.71
C ALA A 33 26.95 16.44 20.55
N VAL A 34 27.66 16.09 19.49
CA VAL A 34 27.73 16.93 18.32
C VAL A 34 27.26 16.18 17.09
N LYS A 35 26.30 16.76 16.39
CA LYS A 35 25.74 16.14 15.23
C LYS A 35 25.94 16.97 13.96
N CYS A 36 26.15 16.29 12.84
CA CYS A 36 26.30 16.97 11.56
C CYS A 36 25.30 16.22 10.66
N ILE A 37 24.72 16.93 9.69
CA ILE A 37 23.72 16.34 8.81
C ILE A 37 24.22 16.10 7.40
N LYS A 38 24.09 14.86 6.93
CA LYS A 38 24.56 14.50 5.59
C LYS A 38 23.60 14.87 4.46
N ASN A 39 24.12 14.89 3.24
CA ASN A 39 23.34 15.19 2.04
C ASN A 39 22.51 16.46 2.18
N ASP A 40 23.11 17.50 2.75
CA ASP A 40 22.42 18.76 2.98
C ASP A 40 23.16 19.93 2.35
N ALA A 41 23.27 19.88 1.02
CA ALA A 41 23.99 20.91 0.24
C ALA A 41 23.70 22.37 0.55
N THR A 42 22.42 22.70 0.76
CA THR A 42 22.06 24.09 1.03
C THR A 42 22.02 24.37 2.51
N ALA A 43 22.23 23.33 3.31
CA ALA A 43 22.22 23.44 4.75
C ALA A 43 20.81 23.69 5.31
N GLN A 44 19.78 23.54 4.49
CA GLN A 44 18.44 23.79 4.99
C GLN A 44 17.94 22.70 5.94
N ALA A 45 18.45 21.48 5.79
CA ALA A 45 18.05 20.41 6.71
C ALA A 45 18.63 20.81 8.07
N PHE A 46 19.89 21.26 8.04
CA PHE A 46 20.57 21.73 9.23
C PHE A 46 19.76 22.87 9.88
N LEU A 47 19.41 23.87 9.09
CA LEU A 47 18.67 25.00 9.64
C LEU A 47 17.34 24.55 10.26
N ALA A 48 16.58 23.76 9.51
CA ALA A 48 15.30 23.26 9.98
C ALA A 48 15.40 22.53 11.31
N GLU A 49 16.41 21.69 11.46
CA GLU A 49 16.55 20.92 12.69
C GLU A 49 16.95 21.78 13.86
N ALA A 50 17.89 22.68 13.63
CA ALA A 50 18.35 23.56 14.69
C ALA A 50 17.19 24.43 15.14
N SER A 51 16.51 25.07 14.19
CA SER A 51 15.38 25.95 14.50
C SER A 51 14.35 25.30 15.39
N VAL A 52 13.81 24.18 14.93
CA VAL A 52 12.78 23.55 15.72
C VAL A 52 13.30 23.26 17.13
N MET A 53 14.57 22.84 17.22
CA MET A 53 15.14 22.53 18.53
C MET A 53 15.19 23.73 19.46
N THR A 54 15.36 24.93 18.91
CA THR A 54 15.39 26.11 19.76
C THR A 54 13.98 26.35 20.33
N GLN A 55 12.99 25.66 19.77
CA GLN A 55 11.61 25.85 20.21
C GLN A 55 11.09 24.73 21.11
N LEU A 56 11.89 23.69 21.31
CA LEU A 56 11.44 22.59 22.13
C LEU A 56 12.02 22.64 23.53
N ARG A 57 11.16 22.46 24.53
CA ARG A 57 11.62 22.48 25.89
C ARG A 57 10.73 21.58 26.72
N HIS A 58 11.16 20.34 26.91
CA HIS A 58 10.43 19.38 27.71
C HIS A 58 11.52 18.53 28.32
N SER A 59 11.28 18.00 29.50
CA SER A 59 12.29 17.20 30.17
C SER A 59 12.53 15.84 29.52
N ASN A 60 11.73 15.50 28.52
CA ASN A 60 11.88 14.21 27.85
C ASN A 60 12.22 14.35 26.38
N LEU A 61 12.79 15.50 26.05
CA LEU A 61 13.24 15.80 24.69
C LEU A 61 14.72 16.16 24.86
N VAL A 62 15.59 15.56 24.04
CA VAL A 62 17.02 15.84 24.13
C VAL A 62 17.17 17.34 23.94
N GLN A 63 17.92 17.98 24.85
CA GLN A 63 18.06 19.43 24.80
C GLN A 63 19.17 20.03 23.93
N LEU A 64 18.79 21.02 23.14
CA LEU A 64 19.72 21.74 22.29
C LEU A 64 20.62 22.57 23.19
N LEU A 65 21.94 22.55 22.95
CA LEU A 65 22.83 23.38 23.74
C LEU A 65 23.26 24.55 22.88
N GLY A 66 23.28 24.33 21.57
CA GLY A 66 23.68 25.40 20.70
C GLY A 66 24.07 24.96 19.29
N VAL A 67 24.46 25.95 18.51
CA VAL A 67 24.82 25.72 17.15
C VAL A 67 26.22 26.24 16.85
N ILE A 68 26.90 25.53 15.95
CA ILE A 68 28.25 25.90 15.54
C ILE A 68 28.31 26.00 14.03
N VAL A 69 28.65 27.19 13.54
CA VAL A 69 28.76 27.42 12.11
C VAL A 69 30.14 27.94 11.71
N GLU A 70 30.97 27.09 11.14
CA GLU A 70 32.30 27.51 10.69
C GLU A 70 32.10 28.03 9.26
N GLU A 71 32.64 29.20 8.96
CA GLU A 71 32.49 29.78 7.62
C GLU A 71 33.01 28.87 6.50
N LYS A 72 33.86 27.92 6.86
CA LYS A 72 34.42 26.99 5.90
C LYS A 72 33.31 26.05 5.46
N GLY A 73 32.29 25.89 6.30
CA GLY A 73 31.19 25.01 5.94
C GLY A 73 30.80 23.93 6.93
N GLY A 74 31.61 23.72 7.97
CA GLY A 74 31.27 22.71 8.98
C GLY A 74 30.08 23.14 9.83
N LEU A 75 28.97 22.42 9.71
CA LEU A 75 27.75 22.76 10.43
C LEU A 75 27.41 21.74 11.52
N TYR A 76 27.35 22.18 12.77
CA TYR A 76 27.07 21.27 13.87
C TYR A 76 25.97 21.66 14.83
N ILE A 77 25.32 20.65 15.37
CA ILE A 77 24.26 20.84 16.34
C ILE A 77 24.79 20.22 17.62
N VAL A 78 25.01 21.06 18.62
CA VAL A 78 25.51 20.61 19.91
C VAL A 78 24.33 20.28 20.82
N THR A 79 24.39 19.10 21.40
CA THR A 79 23.30 18.59 22.21
C THR A 79 23.76 18.04 23.55
N GLU A 80 22.85 17.95 24.51
CA GLU A 80 23.25 17.39 25.79
C GLU A 80 23.71 15.96 25.54
N TYR A 81 24.70 15.51 26.30
CA TYR A 81 25.22 14.16 26.16
C TYR A 81 24.29 13.20 26.86
N MET A 82 24.02 12.06 26.25
CA MET A 82 23.17 11.06 26.86
C MET A 82 24.06 9.84 26.99
N ALA A 83 24.66 9.71 28.17
CA ALA A 83 25.59 8.64 28.49
C ALA A 83 25.23 7.20 28.20
N LYS A 84 23.95 6.83 28.28
CA LYS A 84 23.57 5.44 28.05
C LYS A 84 23.25 5.01 26.62
N GLY A 85 23.50 5.88 25.65
CA GLY A 85 23.24 5.53 24.26
C GLY A 85 21.76 5.37 23.93
N SER A 86 21.48 4.87 22.74
CA SER A 86 20.10 4.68 22.29
C SER A 86 19.35 3.70 23.17
N LEU A 87 18.03 3.83 23.22
CA LEU A 87 17.20 2.94 24.01
C LEU A 87 17.29 1.51 23.49
N VAL A 88 17.42 1.37 22.18
CA VAL A 88 17.56 0.05 21.56
C VAL A 88 18.71 -0.70 22.19
N ASP A 89 19.90 -0.11 22.14
CA ASP A 89 21.06 -0.75 22.70
C ASP A 89 20.90 -1.00 24.18
N TYR A 90 20.53 0.02 24.94
CA TYR A 90 20.35 -0.15 26.38
C TYR A 90 19.51 -1.39 26.69
N LEU A 91 18.45 -1.59 25.92
CA LEU A 91 17.59 -2.74 26.11
C LEU A 91 18.32 -4.04 25.76
N ARG A 92 18.95 -4.07 24.58
CA ARG A 92 19.67 -5.26 24.17
C ARG A 92 20.80 -5.63 25.13
N SER A 93 21.61 -4.66 25.52
CA SER A 93 22.71 -4.95 26.43
C SER A 93 22.23 -5.55 27.76
N ARG A 94 21.54 -4.74 28.57
CA ARG A 94 21.07 -5.20 29.87
C ARG A 94 20.00 -6.30 29.84
N GLY A 95 19.10 -6.26 28.86
CA GLY A 95 18.07 -7.27 28.71
C GLY A 95 17.15 -7.72 29.84
N ARG A 96 16.29 -8.68 29.50
CA ARG A 96 15.29 -9.27 30.38
C ARG A 96 15.71 -9.56 31.82
N SER A 97 16.94 -10.03 32.02
CA SER A 97 17.43 -10.37 33.35
C SER A 97 17.76 -9.17 34.21
N VAL A 98 17.72 -7.97 33.63
CA VAL A 98 18.05 -6.76 34.38
C VAL A 98 16.91 -5.76 34.47
N LEU A 99 16.26 -5.52 33.34
CA LEU A 99 15.17 -4.56 33.26
C LEU A 99 13.80 -5.08 33.69
N GLY A 100 13.33 -4.62 34.85
CA GLY A 100 12.04 -5.06 35.36
C GLY A 100 10.87 -4.42 34.63
N GLY A 101 9.65 -4.78 35.02
CA GLY A 101 8.47 -4.22 34.38
C GLY A 101 8.32 -2.74 34.62
N ASP A 102 8.67 -2.30 35.82
CA ASP A 102 8.58 -0.89 36.15
C ASP A 102 9.50 -0.09 35.22
N CYS A 103 10.71 -0.60 35.00
CA CYS A 103 11.67 0.09 34.14
C CYS A 103 11.08 0.27 32.74
N LEU A 104 10.56 -0.81 32.19
CA LEU A 104 9.96 -0.78 30.85
C LEU A 104 8.78 0.19 30.77
N LEU A 105 7.88 0.13 31.74
CA LEU A 105 6.74 1.04 31.73
C LEU A 105 7.23 2.48 31.92
N LYS A 106 8.22 2.66 32.78
CA LYS A 106 8.76 3.99 33.02
C LYS A 106 9.33 4.62 31.75
N PHE A 107 9.94 3.79 30.91
CA PHE A 107 10.48 4.27 29.64
C PHE A 107 9.34 4.67 28.71
N SER A 108 8.29 3.86 28.71
CA SER A 108 7.11 4.11 27.87
C SER A 108 6.46 5.43 28.21
N LEU A 109 6.33 5.69 29.51
CA LEU A 109 5.74 6.93 29.98
C LEU A 109 6.65 8.10 29.61
N ASP A 110 7.96 7.91 29.72
CA ASP A 110 8.91 8.97 29.37
C ASP A 110 8.67 9.40 27.93
N VAL A 111 8.71 8.43 27.02
CA VAL A 111 8.50 8.72 25.62
C VAL A 111 7.12 9.29 25.38
N CYS A 112 6.13 8.70 26.04
CA CYS A 112 4.76 9.16 25.87
C CYS A 112 4.58 10.62 26.27
N GLU A 113 5.23 11.04 27.34
CA GLU A 113 5.08 12.42 27.75
C GLU A 113 5.76 13.34 26.77
N ALA A 114 6.87 12.89 26.20
CA ALA A 114 7.58 13.71 25.23
C ALA A 114 6.65 13.90 24.06
N MET A 115 6.02 12.82 23.65
CA MET A 115 5.12 12.87 22.51
C MET A 115 3.89 13.73 22.79
N GLU A 116 3.35 13.66 24.00
CA GLU A 116 2.17 14.44 24.32
C GLU A 116 2.54 15.91 24.23
N TYR A 117 3.78 16.21 24.61
CA TYR A 117 4.29 17.57 24.55
C TYR A 117 4.40 18.02 23.09
N LEU A 118 4.95 17.17 22.24
CA LEU A 118 5.07 17.53 20.83
C LEU A 118 3.68 17.77 20.22
N GLU A 119 2.75 16.86 20.47
CA GLU A 119 1.40 17.01 19.95
C GLU A 119 0.80 18.31 20.46
N GLY A 120 1.05 18.62 21.74
CA GLY A 120 0.54 19.84 22.34
C GLY A 120 1.14 21.10 21.75
N ASN A 121 2.27 20.96 21.06
CA ASN A 121 2.89 22.13 20.44
C ASN A 121 2.79 22.03 18.95
N ASN A 122 1.84 21.21 18.51
CA ASN A 122 1.57 21.04 17.10
C ASN A 122 2.74 20.53 16.27
N PHE A 123 3.53 19.63 16.82
CA PHE A 123 4.65 19.10 16.06
C PHE A 123 4.44 17.62 15.81
N VAL A 124 4.97 17.14 14.69
CA VAL A 124 4.88 15.73 14.32
C VAL A 124 6.34 15.28 14.21
N HIS A 125 6.69 14.22 14.92
CA HIS A 125 8.07 13.72 14.89
C HIS A 125 8.44 12.95 13.61
N ARG A 126 7.50 12.13 13.13
CA ARG A 126 7.68 11.33 11.91
C ARG A 126 8.83 10.34 11.92
N ASP A 127 9.54 10.20 13.03
CA ASP A 127 10.66 9.29 13.03
C ASP A 127 10.86 8.67 14.41
N LEU A 128 9.76 8.43 15.11
CA LEU A 128 9.83 7.84 16.45
C LEU A 128 10.14 6.35 16.45
N ALA A 129 11.23 5.98 17.13
CA ALA A 129 11.63 4.58 17.19
C ALA A 129 12.60 4.43 18.33
N ALA A 130 12.78 3.22 18.83
CA ALA A 130 13.68 3.01 19.94
C ALA A 130 15.09 3.48 19.65
N ARG A 131 15.51 3.45 18.39
CA ARG A 131 16.86 3.89 18.04
C ARG A 131 17.00 5.40 18.23
N ASN A 132 15.91 6.12 17.98
CA ASN A 132 15.93 7.57 18.11
C ASN A 132 15.58 8.07 19.51
N VAL A 133 15.59 7.17 20.49
CA VAL A 133 15.32 7.54 21.89
C VAL A 133 16.58 7.22 22.65
N LEU A 134 17.11 8.22 23.35
CA LEU A 134 18.35 8.04 24.08
C LEU A 134 18.09 7.99 25.58
N VAL A 135 19.03 7.44 26.34
CA VAL A 135 18.91 7.31 27.78
C VAL A 135 20.04 8.03 28.49
N SER A 136 19.70 8.87 29.46
CA SER A 136 20.71 9.62 30.21
C SER A 136 21.42 8.77 31.26
N GLU A 137 22.42 9.35 31.91
CA GLU A 137 23.18 8.65 32.93
C GLU A 137 22.30 8.11 34.06
N ASP A 138 21.24 8.82 34.40
CA ASP A 138 20.38 8.29 35.46
C ASP A 138 19.03 7.79 34.95
N ASN A 139 19.11 7.03 33.86
CA ASN A 139 17.99 6.36 33.22
C ASN A 139 16.75 7.08 32.71
N VAL A 140 16.88 8.34 32.32
CA VAL A 140 15.73 9.04 31.79
C VAL A 140 15.76 8.95 30.27
N ALA A 141 14.70 8.37 29.69
CA ALA A 141 14.59 8.23 28.24
C ALA A 141 14.11 9.53 27.64
N LYS A 142 14.74 9.96 26.56
CA LYS A 142 14.34 11.20 25.91
C LYS A 142 14.31 11.01 24.40
N VAL A 143 13.31 11.58 23.76
CA VAL A 143 13.20 11.48 22.31
C VAL A 143 14.29 12.37 21.74
N SER A 144 14.87 11.98 20.62
CA SER A 144 15.91 12.78 19.98
C SER A 144 15.70 12.75 18.48
N ASP A 145 16.71 13.21 17.76
CA ASP A 145 16.68 13.23 16.30
C ASP A 145 15.45 13.91 15.73
N PHE A 146 15.43 15.23 15.80
CA PHE A 146 14.30 16.00 15.31
C PHE A 146 14.42 16.47 13.86
N GLY A 147 15.23 15.78 13.08
CA GLY A 147 15.38 16.15 11.68
C GLY A 147 14.06 16.28 10.94
N LEU A 148 13.23 15.23 11.03
CA LEU A 148 11.94 15.22 10.32
C LEU A 148 10.81 15.93 11.04
N THR A 149 11.10 16.60 12.15
CA THR A 149 10.06 17.27 12.91
C THR A 149 9.54 18.56 12.27
N LYS A 150 8.25 18.56 11.96
CA LYS A 150 7.60 19.73 11.35
C LYS A 150 6.19 19.82 11.91
N GLU A 151 5.56 20.99 11.80
CA GLU A 151 4.20 21.14 12.28
C GLU A 151 3.31 20.25 11.42
N ALA A 152 2.11 19.96 11.90
CA ALA A 152 1.15 19.10 11.19
C ALA A 152 1.25 19.33 9.68
N SER A 153 2.05 18.48 9.03
CA SER A 153 2.32 18.55 7.59
C SER A 153 1.24 19.22 6.75
N LYS A 160 12.98 10.79 4.19
CA LYS A 160 12.14 9.62 3.93
C LYS A 160 11.79 8.90 5.26
N LEU A 161 10.59 8.33 5.32
CA LEU A 161 10.11 7.66 6.52
C LEU A 161 10.41 6.17 6.64
N PRO A 162 10.90 5.73 7.82
CA PRO A 162 11.23 4.32 8.06
C PRO A 162 9.97 3.47 7.97
N VAL A 163 9.85 2.70 6.89
CA VAL A 163 8.69 1.86 6.64
C VAL A 163 8.19 1.01 7.80
N LYS A 164 9.09 0.33 8.50
CA LYS A 164 8.68 -0.53 9.61
C LYS A 164 8.10 0.23 10.81
N TRP A 165 8.30 1.54 10.85
CA TRP A 165 7.79 2.33 11.94
C TRP A 165 6.68 3.29 11.54
N THR A 166 6.50 3.51 10.24
CA THR A 166 5.51 4.46 9.74
C THR A 166 4.13 3.90 9.47
N ALA A 167 3.12 4.70 9.82
CA ALA A 167 1.73 4.29 9.60
C ALA A 167 1.42 4.23 8.10
N PRO A 168 0.54 3.29 7.71
CA PRO A 168 0.13 3.08 6.31
C PRO A 168 -0.29 4.36 5.62
N GLU A 169 -1.25 5.09 6.19
CA GLU A 169 -1.68 6.32 5.56
C GLU A 169 -0.50 7.27 5.36
N ALA A 170 0.45 7.25 6.28
CA ALA A 170 1.59 8.15 6.15
C ALA A 170 2.48 7.84 4.94
N LEU A 171 2.80 6.56 4.73
CA LEU A 171 3.64 6.19 3.59
C LEU A 171 2.92 6.48 2.27
N ARG A 172 1.60 6.36 2.27
CA ARG A 172 0.80 6.58 1.08
C ARG A 172 0.39 8.04 0.86
N GLU A 173 -0.17 8.67 1.88
CA GLU A 173 -0.58 10.07 1.81
C GLU A 173 0.63 10.99 1.88
N LYS A 174 0.52 12.19 1.32
CA LYS A 174 1.66 13.09 1.37
C LYS A 174 1.71 13.86 2.68
N LYS A 175 0.63 13.78 3.46
CA LYS A 175 0.60 14.46 4.74
C LYS A 175 0.72 13.48 5.89
N PHE A 176 1.41 13.93 6.93
CA PHE A 176 1.66 13.16 8.12
C PHE A 176 0.86 13.82 9.25
N SER A 177 0.55 13.06 10.30
CA SER A 177 -0.19 13.63 11.41
C SER A 177 0.18 12.91 12.69
N THR A 178 -0.19 13.52 13.82
CA THR A 178 0.06 12.95 15.13
C THR A 178 -0.42 11.50 15.16
N LYS A 179 -1.49 11.19 14.43
CA LYS A 179 -1.98 9.81 14.45
C LYS A 179 -0.97 8.84 13.87
N SER A 180 -0.11 9.28 12.97
CA SER A 180 0.91 8.38 12.44
C SER A 180 1.97 8.25 13.52
N ASP A 181 2.20 9.34 14.25
CA ASP A 181 3.17 9.31 15.34
C ASP A 181 2.70 8.28 16.36
N VAL A 182 1.40 8.30 16.67
CA VAL A 182 0.84 7.35 17.62
C VAL A 182 1.10 5.93 17.12
N TRP A 183 0.90 5.72 15.82
CA TRP A 183 1.17 4.40 15.25
C TRP A 183 2.63 4.04 15.56
N SER A 184 3.55 4.95 15.29
CA SER A 184 4.97 4.68 15.54
C SER A 184 5.18 4.38 17.03
N PHE A 185 4.45 5.06 17.90
CA PHE A 185 4.59 4.83 19.33
C PHE A 185 4.25 3.36 19.58
N GLY A 186 3.17 2.91 18.94
CA GLY A 186 2.78 1.52 19.09
C GLY A 186 3.95 0.61 18.73
N ILE A 187 4.58 0.87 17.59
CA ILE A 187 5.71 0.06 17.14
C ILE A 187 6.84 0.12 18.18
N LEU A 188 7.16 1.32 18.65
CA LEU A 188 8.21 1.53 19.64
C LEU A 188 7.98 0.74 20.92
N LEU A 189 6.76 0.75 21.45
CA LEU A 189 6.44 0.00 22.65
C LEU A 189 6.80 -1.46 22.42
N TRP A 190 6.40 -1.96 21.25
CA TRP A 190 6.71 -3.35 20.89
C TRP A 190 8.22 -3.54 20.97
N GLU A 191 8.97 -2.54 20.51
CA GLU A 191 10.43 -2.62 20.58
C GLU A 191 10.84 -2.68 22.04
N ILE A 192 10.24 -1.83 22.87
CA ILE A 192 10.59 -1.80 24.28
C ILE A 192 10.38 -3.16 24.94
N TYR A 193 9.16 -3.67 24.88
CA TYR A 193 8.87 -4.96 25.49
C TYR A 193 9.48 -6.16 24.78
N SER A 194 10.19 -5.90 23.68
CA SER A 194 10.87 -6.97 22.94
C SER A 194 12.36 -6.88 23.22
N PHE A 195 12.75 -5.87 23.99
CA PHE A 195 14.14 -5.64 24.35
C PHE A 195 15.06 -5.34 23.18
N GLY A 196 14.58 -4.49 22.29
CA GLY A 196 15.37 -4.07 21.14
C GLY A 196 15.17 -4.86 19.86
N ARG A 197 14.47 -5.98 19.94
CA ARG A 197 14.25 -6.81 18.76
C ARG A 197 13.66 -5.94 17.65
N VAL A 198 13.97 -6.27 16.40
CA VAL A 198 13.50 -5.52 15.25
C VAL A 198 12.06 -5.86 14.85
N PRO A 199 11.25 -4.83 14.55
CA PRO A 199 9.85 -5.01 14.15
C PRO A 199 9.65 -6.02 13.03
N TYR A 200 8.46 -6.63 13.01
CA TYR A 200 8.08 -7.63 12.00
C TYR A 200 9.22 -8.60 11.73
N PRO A 201 9.60 -9.40 12.74
CA PRO A 201 10.67 -10.40 12.72
C PRO A 201 10.67 -11.43 11.59
N ARG A 202 9.56 -12.14 11.41
CA ARG A 202 9.51 -13.15 10.38
C ARG A 202 8.61 -12.76 9.20
N ILE A 203 9.03 -11.71 8.49
CA ILE A 203 8.31 -11.19 7.33
C ILE A 203 9.29 -10.39 6.47
N PRO A 204 9.18 -10.48 5.14
CA PRO A 204 10.09 -9.74 4.26
C PRO A 204 9.68 -8.27 4.21
N LEU A 205 10.66 -7.37 4.26
CA LEU A 205 10.39 -5.93 4.23
C LEU A 205 9.47 -5.48 3.10
N LYS A 206 9.21 -6.38 2.16
CA LYS A 206 8.37 -6.08 1.01
C LYS A 206 6.94 -6.60 1.19
N ASP A 207 6.68 -7.14 2.37
CA ASP A 207 5.37 -7.70 2.70
C ASP A 207 4.69 -6.89 3.79
N VAL A 208 5.50 -6.24 4.60
CA VAL A 208 5.02 -5.45 5.72
C VAL A 208 3.76 -4.66 5.41
N VAL A 209 3.90 -3.56 4.68
CA VAL A 209 2.74 -2.73 4.38
C VAL A 209 1.57 -3.51 3.81
N PRO A 210 1.80 -4.37 2.81
CA PRO A 210 0.62 -5.09 2.31
C PRO A 210 0.01 -6.03 3.35
N ARG A 211 0.84 -6.73 4.13
CA ARG A 211 0.32 -7.62 5.16
C ARG A 211 -0.42 -6.77 6.20
N VAL A 212 0.27 -5.74 6.70
CA VAL A 212 -0.29 -4.83 7.69
C VAL A 212 -1.64 -4.30 7.25
N GLU A 213 -1.71 -3.78 6.02
CA GLU A 213 -2.96 -3.25 5.48
C GLU A 213 -4.00 -4.36 5.32
N LYS A 214 -3.54 -5.60 5.32
CA LYS A 214 -4.45 -6.73 5.23
C LYS A 214 -4.74 -7.15 6.65
N GLY A 215 -4.53 -6.21 7.58
CA GLY A 215 -4.80 -6.44 9.00
C GLY A 215 -3.75 -7.12 9.86
N TYR A 216 -2.59 -7.44 9.30
CA TYR A 216 -1.58 -8.09 10.12
C TYR A 216 -1.15 -7.17 11.27
N LYS A 217 -0.76 -7.78 12.38
CA LYS A 217 -0.31 -7.06 13.56
C LYS A 217 0.66 -7.98 14.27
N MET A 218 1.81 -7.47 14.67
CA MET A 218 2.79 -8.29 15.37
C MET A 218 2.19 -8.94 16.61
N ASP A 219 2.78 -10.03 17.04
CA ASP A 219 2.29 -10.69 18.24
C ASP A 219 2.85 -10.02 19.49
N ALA A 220 2.09 -10.05 20.57
CA ALA A 220 2.56 -9.48 21.81
C ALA A 220 3.92 -10.14 22.10
N PRO A 221 4.93 -9.35 22.49
CA PRO A 221 6.25 -9.93 22.78
C PRO A 221 6.18 -10.98 23.89
N ASP A 222 7.30 -11.65 24.13
CA ASP A 222 7.32 -12.65 25.19
C ASP A 222 7.23 -12.00 26.56
N GLY A 223 6.32 -12.50 27.39
CA GLY A 223 6.14 -11.97 28.74
C GLY A 223 5.58 -10.58 28.82
N CYS A 224 5.00 -10.11 27.72
CA CYS A 224 4.42 -8.77 27.66
C CYS A 224 3.09 -8.72 28.39
N PRO A 225 2.88 -7.65 29.19
CA PRO A 225 1.61 -7.53 29.93
C PRO A 225 0.47 -7.36 28.94
N PRO A 226 -0.62 -8.12 29.11
CA PRO A 226 -1.74 -8.00 28.18
C PRO A 226 -2.20 -6.56 27.99
N ALA A 227 -2.25 -5.81 29.09
CA ALA A 227 -2.67 -4.41 29.01
C ALA A 227 -1.72 -3.58 28.15
N VAL A 228 -0.43 -3.89 28.24
CA VAL A 228 0.54 -3.13 27.44
C VAL A 228 0.32 -3.44 25.97
N TYR A 229 0.09 -4.70 25.67
CA TYR A 229 -0.14 -5.11 24.30
C TYR A 229 -1.40 -4.47 23.73
N GLU A 230 -2.40 -4.24 24.57
CA GLU A 230 -3.64 -3.62 24.11
C GLU A 230 -3.42 -2.15 23.76
N VAL A 231 -2.40 -1.56 24.37
CA VAL A 231 -2.08 -0.18 24.05
C VAL A 231 -1.46 -0.22 22.65
N MET A 232 -0.51 -1.14 22.46
CA MET A 232 0.12 -1.30 21.15
C MET A 232 -1.01 -1.44 20.13
N LYS A 233 -1.83 -2.47 20.29
CA LYS A 233 -2.91 -2.70 19.34
C LYS A 233 -3.74 -1.47 19.10
N ASN A 234 -4.04 -0.74 20.15
CA ASN A 234 -4.85 0.45 20.01
C ASN A 234 -4.13 1.45 19.11
N CYS A 235 -2.80 1.38 19.08
CA CYS A 235 -2.06 2.30 18.24
C CYS A 235 -2.10 1.84 16.79
N TRP A 236 -2.31 0.55 16.59
CA TRP A 236 -2.33 -0.03 15.26
C TRP A 236 -3.67 -0.11 14.54
N HIS A 237 -4.66 0.64 14.97
CA HIS A 237 -5.94 0.58 14.25
C HIS A 237 -5.67 1.09 12.84
N LEU A 238 -6.32 0.50 11.83
CA LEU A 238 -6.10 0.98 10.47
C LEU A 238 -6.74 2.32 10.24
N ASP A 239 -7.82 2.63 10.95
CA ASP A 239 -8.44 3.94 10.77
C ASP A 239 -7.84 4.93 11.75
N ALA A 240 -6.82 5.63 11.28
CA ALA A 240 -6.10 6.63 12.04
C ALA A 240 -6.89 7.41 13.09
N ALA A 241 -8.06 7.95 12.71
CA ALA A 241 -8.86 8.77 13.63
C ALA A 241 -9.27 8.05 14.91
N MET A 242 -9.33 6.74 14.81
CA MET A 242 -9.71 5.90 15.94
C MET A 242 -8.55 5.69 16.90
N ARG A 243 -7.35 6.05 16.48
CA ARG A 243 -6.17 5.88 17.32
C ARG A 243 -6.20 6.84 18.49
N PRO A 244 -5.62 6.41 19.62
CA PRO A 244 -5.62 7.28 20.79
C PRO A 244 -4.74 8.51 20.64
N SER A 245 -5.12 9.50 21.42
CA SER A 245 -4.36 10.73 21.61
C SER A 245 -3.12 10.48 22.48
N PHE A 246 -2.10 11.21 22.51
CA PHE A 246 -0.98 10.88 23.38
C PHE A 246 -1.40 11.05 24.84
N LEU A 247 -2.28 12.01 25.10
CA LEU A 247 -2.77 12.18 26.46
C LEU A 247 -3.57 10.93 26.84
N GLN A 248 -4.34 10.38 25.91
CA GLN A 248 -5.10 9.16 26.23
C GLN A 248 -4.14 8.00 26.42
N LEU A 249 -3.01 8.03 25.74
CA LEU A 249 -2.04 6.98 25.90
C LEU A 249 -1.41 7.10 27.29
N ARG A 250 -1.08 8.32 27.70
CA ARG A 250 -0.48 8.51 29.00
C ARG A 250 -1.42 8.05 30.10
N GLU A 251 -2.67 8.50 30.01
CA GLU A 251 -3.69 8.11 30.99
C GLU A 251 -3.81 6.60 31.11
N GLN A 252 -3.81 5.88 29.98
CA GLN A 252 -3.94 4.43 30.05
C GLN A 252 -2.69 3.72 30.59
N LEU A 253 -1.51 4.26 30.28
CA LEU A 253 -0.27 3.68 30.77
C LEU A 253 -0.25 3.94 32.27
N GLU A 254 -0.81 5.08 32.69
CA GLU A 254 -0.90 5.44 34.10
C GLU A 254 -1.96 4.56 34.77
N HIS A 255 -3.01 4.21 34.05
CA HIS A 255 -4.04 3.36 34.62
C HIS A 255 -3.43 1.99 34.85
N ILE A 256 -2.53 1.60 33.95
CA ILE A 256 -1.86 0.30 34.05
C ILE A 256 -0.91 0.30 35.24
N LYS A 257 -0.13 1.36 35.35
CA LYS A 257 0.83 1.48 36.45
C LYS A 257 0.12 1.52 37.80
N THR A 258 -0.93 2.31 37.86
CA THR A 258 -1.71 2.49 39.08
C THR A 258 -2.29 1.19 39.65
N HIS A 259 -2.62 0.23 38.78
CA HIS A 259 -3.17 -1.06 39.23
C HIS A 259 -2.14 -2.16 39.06
N GLU A 260 -0.91 -1.76 38.74
CA GLU A 260 0.19 -2.68 38.56
C GLU A 260 -0.12 -3.80 37.59
N LEU A 261 -0.86 -3.45 36.53
CA LEU A 261 -1.21 -4.43 35.52
C LEU A 261 -0.01 -4.84 34.67
N HIS A 262 1.18 -4.31 34.98
CA HIS A 262 2.38 -4.64 34.24
C HIS A 262 3.33 -5.55 35.01
N LEU A 263 3.02 -5.81 36.28
CA LEU A 263 3.87 -6.64 37.11
C LEU A 263 3.28 -8.03 37.35
N LYS B 1 22.72 -42.95 45.75
CA LYS B 1 22.58 -42.33 44.42
C LYS B 1 21.15 -42.28 43.84
N ASP B 2 21.00 -41.41 42.84
CA ASP B 2 19.75 -41.20 42.09
C ASP B 2 19.26 -42.40 41.24
N ALA B 3 18.01 -42.32 40.79
CA ALA B 3 17.43 -43.31 39.88
C ALA B 3 17.80 -43.05 38.39
N TRP B 4 18.99 -41.18 38.68
CA TRP B 4 19.67 -41.15 37.37
C TRP B 4 20.51 -42.43 37.17
N GLU B 5 20.71 -43.18 38.26
CA GLU B 5 21.68 -44.27 38.33
C GLU B 5 21.23 -45.55 37.62
N ILE B 6 22.10 -46.08 36.76
CA ILE B 6 21.84 -47.29 35.97
C ILE B 6 22.81 -48.43 36.31
N PRO B 7 22.40 -49.66 36.00
CA PRO B 7 23.31 -50.80 36.08
C PRO B 7 24.38 -50.65 35.02
N ARG B 8 25.61 -50.94 35.40
CA ARG B 8 26.70 -50.85 34.47
C ARG B 8 26.86 -52.14 33.66
N GLU B 9 25.76 -52.82 33.38
CA GLU B 9 25.71 -53.87 32.34
C GLU B 9 24.74 -53.46 31.23
N SER B 10 23.85 -52.52 31.52
CA SER B 10 22.99 -51.92 30.51
C SER B 10 23.81 -51.19 29.42
N LEU B 11 24.96 -50.65 29.82
CA LEU B 11 25.86 -49.99 28.87
C LEU B 11 26.66 -50.98 28.06
N ARG B 12 27.05 -50.53 26.88
CA ARG B 12 27.63 -51.40 25.87
C ARG B 12 28.56 -50.50 25.05
N LEU B 13 29.81 -50.39 25.50
CA LEU B 13 30.79 -49.51 24.88
C LEU B 13 31.26 -50.14 23.56
N GLU B 14 30.92 -49.48 22.46
CA GLU B 14 31.11 -50.04 21.13
C GLU B 14 32.31 -49.40 20.41
N VAL B 15 32.12 -48.25 19.76
CA VAL B 15 33.18 -47.58 19.00
C VAL B 15 33.81 -46.44 19.79
N LYS B 16 35.13 -46.39 19.81
CA LYS B 16 35.88 -45.34 20.48
C LYS B 16 35.87 -44.08 19.62
N LEU B 17 35.27 -43.02 20.14
CA LEU B 17 35.20 -41.76 19.43
C LEU B 17 36.55 -41.07 19.46
N GLY B 18 36.97 -40.71 20.67
CA GLY B 18 38.26 -40.12 20.89
C GLY B 18 38.75 -40.36 22.31
N GLN B 19 39.80 -39.65 22.68
CA GLN B 19 40.43 -39.81 23.98
C GLN B 19 40.71 -38.43 24.57
N GLY B 20 41.89 -38.30 25.16
CA GLY B 20 42.27 -37.10 25.89
C GLY B 20 42.78 -37.40 27.28
N CYS B 21 43.03 -36.34 28.04
CA CYS B 21 43.70 -36.46 29.35
C CYS B 21 42.78 -36.95 30.48
N PHE B 22 41.48 -36.65 30.34
CA PHE B 22 40.49 -36.80 31.41
C PHE B 22 39.56 -37.99 31.12
N GLY B 23 40.18 -39.11 30.76
CA GLY B 23 39.46 -40.27 30.27
C GLY B 23 39.08 -40.16 28.81
N GLU B 24 38.34 -41.16 28.33
CA GLU B 24 38.01 -41.29 26.91
C GLU B 24 36.51 -41.15 26.65
N VAL B 25 36.06 -41.32 25.40
CA VAL B 25 34.65 -41.20 25.03
C VAL B 25 34.25 -42.17 23.92
N TRP B 26 33.11 -42.84 24.09
CA TRP B 26 32.70 -43.94 23.22
C TRP B 26 31.27 -43.76 22.70
N MET B 27 30.99 -44.29 21.51
CA MET B 27 29.61 -44.56 21.07
C MET B 27 29.14 -45.85 21.72
N GLY B 28 27.83 -46.14 21.72
CA GLY B 28 27.36 -47.36 22.34
C GLY B 28 25.87 -47.57 22.49
N THR B 29 25.49 -48.43 23.44
CA THR B 29 24.10 -48.82 23.68
C THR B 29 23.78 -48.85 25.16
N TRP B 30 22.63 -48.31 25.54
CA TRP B 30 22.15 -48.34 26.93
C TRP B 30 20.82 -49.11 26.99
N ASN B 31 20.73 -50.01 27.98
CA ASN B 31 19.66 -51.00 28.06
C ASN B 31 19.68 -51.70 26.71
N GLY B 32 18.54 -51.88 26.07
CA GLY B 32 18.47 -52.68 24.86
C GLY B 32 18.97 -51.93 23.63
N THR B 33 18.20 -50.90 23.26
CA THR B 33 18.53 -50.02 22.15
C THR B 33 19.07 -48.68 22.72
N THR B 34 18.68 -47.55 22.12
CA THR B 34 19.22 -46.21 22.41
C THR B 34 20.71 -46.09 22.10
N ARG B 35 21.03 -45.23 21.13
CA ARG B 35 22.40 -44.84 20.90
C ARG B 35 22.79 -43.96 22.08
N VAL B 36 24.06 -44.00 22.46
CA VAL B 36 24.55 -43.18 23.55
C VAL B 36 26.03 -42.83 23.37
N ALA B 37 26.38 -41.61 23.77
CA ALA B 37 27.77 -41.31 24.08
C ALA B 37 28.05 -41.77 25.52
N ILE B 38 29.28 -42.24 25.78
CA ILE B 38 29.68 -42.71 27.10
C ILE B 38 31.02 -42.09 27.47
N LYS B 39 30.98 -41.02 28.27
CA LYS B 39 32.19 -40.40 28.79
C LYS B 39 32.66 -41.14 30.05
N THR B 40 33.98 -41.25 30.22
CA THR B 40 34.59 -41.94 31.36
C THR B 40 35.72 -41.14 31.99
N LEU B 41 35.98 -41.40 33.27
CA LEU B 41 37.12 -40.84 33.99
C LEU B 41 38.22 -41.88 34.12
N LYS B 42 39.44 -41.47 33.84
CA LYS B 42 40.63 -42.26 34.15
C LYS B 42 40.92 -42.11 35.65
N PRO B 43 40.87 -43.19 36.44
CA PRO B 43 41.41 -43.15 37.79
C PRO B 43 42.94 -42.92 37.72
N GLY B 44 43.33 -41.68 37.93
CA GLY B 44 44.67 -41.21 37.66
C GLY B 44 44.70 -39.69 37.54
N THR B 45 43.79 -39.13 36.75
CA THR B 45 43.70 -37.68 36.55
C THR B 45 43.05 -36.96 37.76
N MET B 46 41.72 -36.82 37.76
CA MET B 46 41.01 -36.04 38.77
C MET B 46 40.10 -36.91 39.63
N SER B 47 39.70 -36.37 40.78
CA SER B 47 38.97 -37.13 41.80
C SER B 47 37.53 -37.39 41.37
N PRO B 48 36.85 -38.32 42.05
CA PRO B 48 35.38 -38.48 41.93
C PRO B 48 34.57 -37.17 42.00
N GLU B 49 34.82 -36.31 43.00
CA GLU B 49 34.07 -35.04 43.14
C GLU B 49 34.31 -34.06 41.96
N ALA B 50 35.52 -34.12 41.39
CA ALA B 50 35.91 -33.29 40.24
C ALA B 50 35.10 -33.60 38.98
N PHE B 51 35.24 -34.83 38.47
CA PHE B 51 34.55 -35.26 37.27
C PHE B 51 33.07 -35.67 37.51
N LEU B 52 32.58 -35.42 38.73
CA LEU B 52 31.13 -35.42 39.01
C LEU B 52 30.72 -34.04 39.57
N GLN B 53 31.17 -33.01 38.85
CA GLN B 53 30.61 -31.65 38.91
C GLN B 53 29.74 -31.49 37.66
N GLU B 54 30.27 -31.83 36.47
CA GLU B 54 29.51 -31.80 35.20
C GLU B 54 28.38 -32.86 35.15
N ALA B 55 27.97 -33.36 36.32
CA ALA B 55 26.67 -34.02 36.51
C ALA B 55 25.79 -33.27 37.53
N GLN B 56 26.40 -32.62 38.51
CA GLN B 56 25.70 -31.65 39.37
C GLN B 56 24.89 -30.66 38.51
N VAL B 57 25.56 -30.10 37.51
CA VAL B 57 24.95 -29.19 36.54
C VAL B 57 24.16 -29.92 35.47
N MET B 58 24.79 -30.86 34.75
CA MET B 58 24.15 -31.50 33.59
C MET B 58 22.83 -32.17 33.93
N LYS B 59 22.56 -32.36 35.23
CA LYS B 59 21.25 -32.82 35.69
C LYS B 59 20.21 -31.69 35.67
N LYS B 60 20.51 -30.61 36.40
CA LYS B 60 19.62 -29.43 36.45
C LYS B 60 19.29 -28.83 35.07
N LEU B 61 20.29 -28.73 34.18
CA LEU B 61 20.14 -28.14 32.84
C LEU B 61 19.56 -29.07 31.78
N ARG B 62 18.27 -28.89 31.48
CA ARG B 62 17.65 -29.44 30.26
C ARG B 62 17.23 -28.30 29.29
N HIS B 63 17.78 -28.35 28.07
CA HIS B 63 17.44 -27.45 26.97
C HIS B 63 17.71 -28.15 25.63
N GLU B 64 16.87 -27.90 24.63
CA GLU B 64 17.00 -28.46 23.26
C GLU B 64 18.41 -28.47 22.67
N LYS B 65 19.22 -27.47 23.03
CA LYS B 65 20.51 -27.22 22.41
C LYS B 65 21.67 -27.35 23.37
N LEU B 66 21.42 -27.83 24.57
CA LEU B 66 22.46 -28.35 25.44
C LEU B 66 22.34 -29.84 25.29
N VAL B 67 23.49 -30.51 25.13
CA VAL B 67 23.53 -31.96 25.02
C VAL B 67 23.06 -32.60 26.33
N GLN B 68 22.04 -33.47 26.26
CA GLN B 68 21.34 -33.96 27.44
C GLN B 68 21.95 -35.17 28.12
N LEU B 69 22.27 -35.01 29.39
CA LEU B 69 22.63 -36.11 30.25
C LEU B 69 21.46 -37.11 30.32
N TYR B 70 21.75 -38.39 30.10
CA TYR B 70 20.75 -39.46 30.19
C TYR B 70 20.82 -40.18 31.56
N ALA B 71 22.03 -40.42 32.09
CA ALA B 71 22.24 -41.24 33.30
C ALA B 71 23.73 -41.42 33.66
N VAL B 72 24.08 -41.45 34.96
CA VAL B 72 25.47 -41.66 35.37
C VAL B 72 25.71 -43.00 36.09
N VAL B 73 27.00 -43.25 36.36
CA VAL B 73 27.47 -44.32 37.23
C VAL B 73 28.58 -43.70 38.10
N SER B 74 28.27 -43.42 39.38
CA SER B 74 29.07 -42.54 40.25
C SER B 74 30.33 -43.18 40.86
N GLU B 75 30.16 -44.30 41.56
CA GLU B 75 31.27 -45.11 42.13
C GLU B 75 32.26 -45.62 41.04
N GLU B 76 33.52 -45.16 41.09
CA GLU B 76 34.46 -45.45 39.97
C GLU B 76 34.64 -46.95 39.75
N PRO B 77 35.03 -47.37 38.54
CA PRO B 77 35.24 -46.49 37.38
C PRO B 77 33.98 -45.73 36.96
N ILE B 78 34.13 -44.45 36.58
CA ILE B 78 32.98 -43.59 36.27
C ILE B 78 32.54 -43.71 34.81
N TYR B 79 31.24 -43.57 34.57
CA TYR B 79 30.69 -43.54 33.22
C TYR B 79 29.56 -42.54 33.24
N ILE B 80 29.75 -41.39 32.58
CA ILE B 80 28.67 -40.45 32.27
C ILE B 80 28.09 -40.87 30.94
N VAL B 81 26.83 -41.17 30.91
CA VAL B 81 26.14 -41.52 29.67
C VAL B 81 25.30 -40.34 29.24
N THR B 82 25.46 -39.87 28.00
CA THR B 82 24.63 -38.80 27.50
C THR B 82 24.03 -39.10 26.12
N GLU B 83 23.37 -38.12 25.51
CA GLU B 83 22.78 -38.33 24.18
C GLU B 83 23.89 -38.39 23.12
N TYR B 84 23.71 -39.23 22.12
CA TYR B 84 24.68 -39.34 21.04
C TYR B 84 24.52 -38.22 20.04
N MET B 85 25.63 -37.54 19.72
CA MET B 85 25.68 -36.58 18.64
C MET B 85 26.56 -37.18 17.58
N SER B 86 26.01 -37.39 16.35
CA SER B 86 26.59 -38.33 15.41
C SER B 86 27.29 -37.62 14.26
N LYS B 87 27.73 -36.44 14.27
CA LYS B 87 28.72 -35.86 13.30
C LYS B 87 29.97 -35.26 14.00
N GLY B 88 30.12 -35.51 15.30
CA GLY B 88 31.29 -35.07 16.03
C GLY B 88 31.28 -33.58 16.27
N SER B 89 32.38 -33.02 16.73
CA SER B 89 32.45 -31.58 17.05
C SER B 89 32.02 -30.67 15.88
N LEU B 90 31.71 -29.40 16.16
CA LEU B 90 31.39 -28.49 15.07
C LEU B 90 32.59 -28.42 14.17
N LEU B 91 33.78 -28.36 14.77
CA LEU B 91 35.07 -28.15 14.04
C LEU B 91 35.35 -29.22 12.98
N ASP B 92 35.30 -30.48 13.39
CA ASP B 92 35.44 -31.62 12.48
C ASP B 92 34.46 -31.54 11.34
N PHE B 93 33.19 -31.41 11.69
CA PHE B 93 32.10 -31.46 10.74
C PHE B 93 32.26 -30.46 9.59
N LEU B 94 32.68 -29.28 9.98
CA LEU B 94 32.65 -28.07 9.18
C LEU B 94 33.90 -27.97 8.30
N LYS B 95 34.93 -28.56 9.25
CA LYS B 95 36.32 -28.60 8.83
C LYS B 95 36.60 -29.86 7.99
N GLY B 96 35.62 -30.79 7.94
CA GLY B 96 35.67 -32.05 7.20
C GLY B 96 34.85 -32.06 5.91
N GLU B 97 34.48 -33.26 5.41
CA GLU B 97 33.94 -33.43 4.04
C GLU B 97 32.74 -32.55 3.73
N MET B 98 31.70 -32.59 4.53
CA MET B 98 30.52 -31.74 4.48
C MET B 98 30.89 -30.27 4.62
N GLY B 99 31.82 -29.92 5.45
CA GLY B 99 32.17 -28.53 5.65
C GLY B 99 32.12 -27.67 4.40
N LYS B 100 32.75 -28.14 3.33
CA LYS B 100 32.86 -27.30 2.15
C LYS B 100 31.52 -27.01 1.50
N TYR B 101 30.49 -27.82 1.74
CA TYR B 101 29.19 -27.59 1.09
C TYR B 101 28.28 -26.59 1.79
N LEU B 102 28.57 -26.26 3.05
CA LEU B 102 27.80 -25.28 3.82
C LEU B 102 27.99 -23.87 3.29
N ARG B 103 26.86 -23.17 3.25
CA ARG B 103 26.83 -21.80 2.81
C ARG B 103 26.26 -20.99 3.98
N LEU B 104 26.01 -19.70 3.78
CA LEU B 104 25.67 -18.82 4.90
C LEU B 104 24.35 -19.15 5.51
N PRO B 105 23.28 -19.32 4.76
CA PRO B 105 22.02 -19.75 5.38
C PRO B 105 22.24 -20.87 6.36
N GLN B 106 23.11 -21.84 6.10
CA GLN B 106 23.25 -23.01 6.97
C GLN B 106 24.01 -22.69 8.24
N LEU B 107 25.16 -22.02 8.08
CA LEU B 107 26.02 -21.62 9.22
C LEU B 107 25.30 -20.64 10.15
N VAL B 108 24.45 -19.78 9.60
CA VAL B 108 23.75 -18.78 10.39
C VAL B 108 22.71 -19.48 11.21
N ASP B 109 21.95 -20.35 10.57
CA ASP B 109 21.05 -21.25 11.31
C ASP B 109 21.74 -22.04 12.48
N MET B 110 22.89 -22.68 12.24
CA MET B 110 23.62 -23.40 13.31
C MET B 110 23.83 -22.46 14.47
N ALA B 111 24.21 -21.24 14.15
CA ALA B 111 24.63 -20.22 15.11
C ALA B 111 23.44 -19.72 15.93
N ALA B 112 22.29 -19.59 15.27
CA ALA B 112 21.03 -19.26 15.93
C ALA B 112 20.70 -20.33 16.98
N GLN B 113 20.98 -21.61 16.67
CA GLN B 113 20.73 -22.74 17.60
C GLN B 113 21.64 -22.67 18.80
N ILE B 114 22.91 -22.41 18.58
CA ILE B 114 23.90 -22.34 19.65
C ILE B 114 23.47 -21.30 20.64
N ALA B 115 22.98 -20.19 20.10
CA ALA B 115 22.57 -19.03 20.88
C ALA B 115 21.26 -19.27 21.60
N SER B 116 20.39 -20.07 21.01
CA SER B 116 19.19 -20.49 21.68
C SER B 116 19.52 -21.22 22.97
N GLY B 117 20.62 -21.98 22.93
CA GLY B 117 21.07 -22.75 24.07
C GLY B 117 21.79 -21.88 25.05
N MET B 118 22.60 -20.96 24.55
CA MET B 118 23.31 -20.02 25.41
C MET B 118 22.38 -18.97 25.96
N ALA B 119 21.14 -18.95 25.50
CA ALA B 119 20.14 -18.05 26.03
C ALA B 119 19.35 -18.75 27.12
N TYR B 120 19.20 -20.07 27.01
CA TYR B 120 18.70 -20.86 28.14
C TYR B 120 19.73 -20.87 29.26
N VAL B 121 21.00 -21.15 28.92
CA VAL B 121 22.11 -20.95 29.89
C VAL B 121 21.94 -19.60 30.60
N GLU B 122 21.84 -18.54 29.79
CA GLU B 122 21.59 -17.16 30.24
C GLU B 122 20.46 -17.07 31.26
N ARG B 123 19.28 -17.52 30.89
CA ARG B 123 18.08 -17.38 31.74
C ARG B 123 18.29 -17.98 33.12
N MET B 124 18.97 -19.12 33.18
CA MET B 124 19.22 -19.83 34.45
C MET B 124 20.36 -19.21 35.30
N ASN B 125 20.89 -18.04 34.95
CA ASN B 125 22.09 -17.51 35.61
C ASN B 125 23.25 -18.52 35.69
N TYR B 126 23.46 -19.27 34.61
CA TYR B 126 24.69 -20.05 34.47
C TYR B 126 25.71 -19.37 33.54
N VAL B 127 26.92 -19.92 33.53
CA VAL B 127 28.06 -19.36 32.80
C VAL B 127 28.92 -20.53 32.27
N HIS B 128 29.15 -20.55 30.96
CA HIS B 128 29.76 -21.70 30.28
C HIS B 128 31.26 -21.77 30.46
N ARG B 129 31.93 -20.66 30.14
CA ARG B 129 33.37 -20.46 30.41
C ARG B 129 34.31 -21.07 29.38
N ASP B 130 33.79 -21.72 28.34
CA ASP B 130 34.64 -22.25 27.28
C ASP B 130 33.78 -22.59 26.10
N LEU B 131 33.20 -21.54 25.54
CA LEU B 131 32.32 -21.63 24.43
C LEU B 131 33.14 -21.46 23.15
N ARG B 132 33.28 -22.57 22.44
CA ARG B 132 33.84 -22.55 21.11
C ARG B 132 33.40 -23.80 20.34
N ALA B 133 33.47 -23.74 19.02
CA ALA B 133 33.02 -24.78 18.10
C ALA B 133 33.37 -26.22 18.54
N ALA B 134 34.58 -26.41 19.09
CA ALA B 134 35.08 -27.72 19.59
C ALA B 134 34.23 -28.33 20.74
N ASN B 135 33.59 -27.44 21.48
CA ASN B 135 32.62 -27.77 22.51
C ASN B 135 31.14 -27.68 22.09
N ILE B 136 30.84 -27.64 20.77
CA ILE B 136 29.46 -27.73 20.25
C ILE B 136 29.42 -29.08 19.62
N LEU B 137 28.27 -29.72 19.62
CA LEU B 137 28.15 -31.02 18.98
C LEU B 137 27.05 -30.95 17.91
N VAL B 138 27.17 -31.79 16.90
CA VAL B 138 26.33 -31.68 15.74
C VAL B 138 25.68 -33.02 15.54
N GLY B 139 24.51 -33.00 14.91
CA GLY B 139 23.75 -34.21 14.69
C GLY B 139 22.96 -34.16 13.42
N GLU B 140 22.01 -35.07 13.32
CA GLU B 140 21.21 -35.23 12.11
C GLU B 140 20.47 -33.91 11.86
N ASN B 141 20.35 -33.49 10.60
CA ASN B 141 19.61 -32.27 10.22
C ASN B 141 20.34 -30.99 10.63
N LEU B 142 21.67 -31.01 10.57
CA LEU B 142 22.48 -29.86 10.96
C LEU B 142 22.11 -29.25 12.31
N VAL B 143 21.60 -30.08 13.23
CA VAL B 143 21.29 -29.64 14.59
C VAL B 143 22.59 -29.43 15.33
N CYS B 144 22.61 -28.48 16.27
CA CYS B 144 23.81 -28.13 17.03
C CYS B 144 23.47 -27.93 18.49
N LYS B 145 23.99 -28.76 19.39
CA LYS B 145 23.75 -28.56 20.82
C LYS B 145 25.03 -28.19 21.57
N VAL B 146 24.92 -27.17 22.39
CA VAL B 146 25.92 -26.87 23.40
C VAL B 146 26.03 -28.05 24.34
N ALA B 147 27.19 -28.22 24.96
CA ALA B 147 27.37 -29.09 26.14
C ALA B 147 28.81 -29.48 26.32
N ASP B 148 29.06 -30.28 27.36
CA ASP B 148 30.18 -31.23 27.40
C ASP B 148 30.11 -32.18 28.62
N PHE B 168 45.06 -23.97 26.76
CA PHE B 168 44.35 -22.79 27.29
C PHE B 168 43.83 -21.93 26.12
N PRO B 169 42.50 -21.68 26.08
CA PRO B 169 41.84 -21.12 24.90
C PRO B 169 41.72 -19.61 25.09
N ILE B 170 42.87 -18.93 25.06
CA ILE B 170 42.93 -17.49 25.20
C ILE B 170 42.24 -16.78 24.01
N LYS B 171 42.40 -17.35 22.82
CA LYS B 171 41.93 -16.74 21.56
C LYS B 171 40.41 -16.64 21.50
N TRP B 172 39.70 -17.52 22.19
CA TRP B 172 38.23 -17.47 22.23
C TRP B 172 37.65 -16.76 23.44
N THR B 173 38.50 -16.39 24.40
CA THR B 173 38.12 -15.87 25.72
C THR B 173 38.22 -14.35 25.83
N ALA B 174 37.26 -13.73 26.51
CA ALA B 174 37.17 -12.26 26.60
C ALA B 174 38.32 -11.69 27.39
N PRO B 175 38.75 -10.46 27.11
CA PRO B 175 39.92 -9.84 27.76
C PRO B 175 39.87 -9.90 29.28
N GLU B 176 38.80 -9.35 29.83
CA GLU B 176 38.50 -9.38 31.24
C GLU B 176 38.60 -10.77 31.92
N ALA B 177 38.42 -11.85 31.17
CA ALA B 177 38.54 -13.21 31.69
C ALA B 177 39.97 -13.71 31.48
N ALA B 178 40.51 -13.39 30.32
CA ALA B 178 41.86 -13.80 29.93
C ALA B 178 42.94 -13.29 30.84
N LEU B 179 42.64 -12.21 31.56
CA LEU B 179 43.61 -11.46 32.32
C LEU B 179 43.25 -11.39 33.82
N TYR B 180 41.99 -11.08 34.10
CA TYR B 180 41.53 -10.81 35.47
C TYR B 180 40.57 -11.91 35.98
N GLY B 181 40.29 -12.89 35.13
CA GLY B 181 39.50 -14.04 35.50
C GLY B 181 38.03 -13.78 35.81
N ARG B 182 37.45 -12.73 35.21
CA ARG B 182 36.03 -12.45 35.34
C ARG B 182 35.26 -13.08 34.21
N PHE B 183 34.88 -14.33 34.42
CA PHE B 183 33.95 -14.98 33.52
C PHE B 183 32.47 -14.57 33.86
N THR B 184 31.76 -14.11 32.85
CA THR B 184 30.36 -13.80 32.96
C THR B 184 29.69 -14.19 31.67
N ILE B 185 28.37 -14.25 31.67
CA ILE B 185 27.63 -14.59 30.46
C ILE B 185 27.97 -13.61 29.33
N LYS B 186 28.35 -12.38 29.68
CA LYS B 186 28.81 -11.41 28.68
C LYS B 186 30.21 -11.76 28.15
N SER B 187 31.07 -12.27 29.00
CA SER B 187 32.35 -12.83 28.55
C SER B 187 32.11 -14.10 27.71
N ASP B 188 30.93 -14.71 27.81
CA ASP B 188 30.55 -15.86 26.97
C ASP B 188 30.15 -15.38 25.56
N VAL B 189 29.46 -14.25 25.53
CA VAL B 189 29.07 -13.57 24.32
C VAL B 189 30.30 -13.27 23.47
N TRP B 190 31.40 -12.89 24.11
CA TRP B 190 32.65 -12.59 23.42
C TRP B 190 33.12 -13.78 22.58
N SER B 191 33.11 -14.95 23.20
CA SER B 191 33.50 -16.17 22.53
C SER B 191 32.53 -16.48 21.39
N PHE B 192 31.26 -16.10 21.56
CA PHE B 192 30.21 -16.37 20.58
C PHE B 192 30.68 -15.72 19.35
N GLY B 193 31.00 -14.45 19.45
CA GLY B 193 31.57 -13.73 18.32
C GLY B 193 32.82 -14.35 17.71
N ILE B 194 33.73 -14.82 18.54
CA ILE B 194 34.86 -15.59 18.01
C ILE B 194 34.36 -16.85 17.27
N LEU B 195 33.37 -17.53 17.87
CA LEU B 195 32.72 -18.69 17.28
C LEU B 195 32.03 -18.42 15.95
N LEU B 196 31.52 -17.18 15.79
CA LEU B 196 31.04 -16.68 14.49
C LEU B 196 32.16 -16.64 13.45
N THR B 197 33.37 -16.29 13.83
CA THR B 197 34.44 -16.42 12.85
C THR B 197 34.65 -17.87 12.46
N GLU B 198 34.48 -18.81 13.40
CA GLU B 198 34.69 -20.26 13.13
C GLU B 198 33.69 -20.78 12.11
N LEU B 199 32.41 -20.47 12.33
CA LEU B 199 31.36 -20.84 11.40
C LEU B 199 31.60 -20.21 10.02
N THR B 200 32.12 -18.99 9.98
CA THR B 200 32.10 -18.18 8.75
C THR B 200 33.30 -18.44 7.84
N THR B 201 34.33 -19.12 8.38
CA THR B 201 35.54 -19.49 7.64
C THR B 201 35.66 -21.00 7.66
N LYS B 202 34.66 -21.65 8.25
CA LYS B 202 34.56 -23.09 8.25
C LYS B 202 35.74 -23.79 8.87
N GLY B 203 36.05 -23.45 10.11
CA GLY B 203 36.93 -24.26 10.97
C GLY B 203 38.22 -23.61 11.48
N ARG B 204 38.56 -22.48 10.88
CA ARG B 204 39.85 -21.85 11.08
C ARG B 204 40.05 -21.26 12.47
N VAL B 205 41.27 -21.38 12.98
CA VAL B 205 41.65 -20.78 14.25
C VAL B 205 41.47 -19.30 14.08
N PRO B 206 40.94 -18.59 15.08
CA PRO B 206 40.80 -17.12 14.97
C PRO B 206 42.16 -16.48 14.96
N TYR B 207 42.23 -15.25 14.46
CA TYR B 207 43.48 -14.48 14.49
C TYR B 207 44.60 -15.32 13.80
N PRO B 208 44.41 -15.62 12.52
CA PRO B 208 45.30 -16.53 11.81
C PRO B 208 46.79 -16.08 11.77
N GLY B 209 47.72 -17.01 12.05
CA GLY B 209 49.14 -16.69 12.14
C GLY B 209 49.49 -15.73 13.28
N MET B 210 48.72 -15.79 14.37
CA MET B 210 49.06 -15.11 15.62
C MET B 210 49.16 -16.11 16.79
N VAL B 211 50.22 -15.95 17.58
CA VAL B 211 50.39 -16.67 18.83
C VAL B 211 49.60 -15.89 19.87
N ASN B 212 49.48 -16.43 21.09
CA ASN B 212 48.58 -15.84 22.09
C ASN B 212 49.00 -14.48 22.58
N ARG B 213 50.30 -14.24 22.70
CA ARG B 213 50.75 -12.96 23.23
C ARG B 213 50.33 -11.83 22.29
N GLU B 214 50.29 -12.05 20.97
CA GLU B 214 49.81 -11.02 20.02
C GLU B 214 48.30 -10.74 20.15
N VAL B 215 47.56 -11.81 20.35
CA VAL B 215 46.11 -11.73 20.51
C VAL B 215 45.76 -10.92 21.76
N LEU B 216 46.43 -11.21 22.87
CA LEU B 216 46.29 -10.40 24.08
C LEU B 216 46.79 -8.99 23.84
N ASP B 217 47.93 -8.86 23.18
CA ASP B 217 48.55 -7.56 22.93
C ASP B 217 47.61 -6.68 22.16
N GLN B 218 47.08 -7.22 21.08
CA GLN B 218 46.44 -6.45 20.03
C GLN B 218 44.98 -6.11 20.29
N VAL B 219 44.24 -7.05 20.88
CA VAL B 219 42.89 -6.82 21.35
C VAL B 219 42.90 -5.76 22.44
N GLU B 220 43.97 -5.73 23.23
CA GLU B 220 44.22 -4.69 24.25
C GLU B 220 44.46 -3.27 23.71
N ARG B 221 45.11 -3.19 22.54
CA ARG B 221 45.31 -1.94 21.81
C ARG B 221 44.12 -1.64 20.85
N GLY B 222 43.17 -2.56 20.78
CA GLY B 222 41.89 -2.34 20.11
C GLY B 222 41.64 -3.08 18.81
N TYR B 223 42.62 -3.84 18.35
CA TYR B 223 42.50 -4.70 17.16
C TYR B 223 41.28 -5.58 17.23
N ARG B 224 40.75 -5.96 16.07
CA ARG B 224 39.65 -6.91 16.00
C ARG B 224 39.69 -7.63 14.68
N MET B 225 39.40 -8.92 14.70
CA MET B 225 39.40 -9.73 13.47
C MET B 225 38.56 -9.02 12.46
N PRO B 226 39.08 -8.90 11.25
CA PRO B 226 38.32 -8.28 10.18
C PRO B 226 37.13 -9.12 9.82
N CYS B 227 36.51 -8.69 8.76
CA CYS B 227 35.45 -9.40 8.13
C CYS B 227 36.02 -10.57 7.28
N PRO B 228 35.76 -11.84 7.62
CA PRO B 228 36.28 -12.95 6.81
C PRO B 228 35.84 -12.88 5.34
N PRO B 229 36.59 -13.49 4.42
CA PRO B 229 36.15 -13.66 3.02
C PRO B 229 34.62 -13.80 2.79
N GLU B 230 34.07 -12.94 1.92
CA GLU B 230 32.67 -13.01 1.51
C GLU B 230 31.66 -12.98 2.65
N CYS B 231 32.06 -12.53 3.82
CA CYS B 231 31.14 -12.60 4.93
C CYS B 231 30.35 -11.30 4.97
N PRO B 232 29.05 -11.36 4.73
CA PRO B 232 28.24 -10.13 4.68
C PRO B 232 28.54 -9.28 5.88
N GLU B 233 28.38 -7.98 5.73
CA GLU B 233 28.93 -7.01 6.67
C GLU B 233 27.99 -6.83 7.85
N SER B 234 26.74 -7.22 7.67
CA SER B 234 25.81 -7.37 8.79
C SER B 234 26.20 -8.48 9.78
N LEU B 235 26.81 -9.56 9.32
CA LEU B 235 27.40 -10.55 10.23
C LEU B 235 28.53 -9.91 11.05
N HIS B 236 29.52 -9.28 10.40
CA HIS B 236 30.68 -8.72 11.12
C HIS B 236 30.31 -7.70 12.18
N ASP B 237 29.28 -6.91 11.91
CA ASP B 237 28.85 -5.90 12.83
C ASP B 237 28.52 -6.55 14.18
N LEU B 238 27.80 -7.66 14.09
CA LEU B 238 27.35 -8.44 15.24
C LEU B 238 28.49 -9.23 15.89
N MET B 239 29.59 -9.41 15.19
CA MET B 239 30.79 -9.93 15.82
C MET B 239 31.42 -8.79 16.63
N CYS B 240 31.50 -7.62 16.04
CA CYS B 240 32.00 -6.43 16.75
C CYS B 240 31.14 -6.03 17.93
N GLN B 241 29.83 -6.28 17.84
CA GLN B 241 28.91 -6.14 18.98
C GLN B 241 29.29 -7.16 20.10
N CYS B 242 29.56 -8.40 19.76
CA CYS B 242 30.10 -9.35 20.73
C CYS B 242 31.50 -8.96 21.27
N TRP B 243 32.28 -8.18 20.53
CA TRP B 243 33.66 -7.87 20.95
C TRP B 243 33.84 -6.47 21.54
N ARG B 244 32.75 -5.86 22.03
CA ARG B 244 32.83 -4.58 22.70
C ARG B 244 33.74 -4.69 23.93
N LYS B 245 34.63 -3.71 24.15
CA LYS B 245 35.51 -3.75 25.33
C LYS B 245 34.69 -3.92 26.60
N ASP B 246 33.65 -3.10 26.75
CA ASP B 246 32.91 -3.01 28.00
C ASP B 246 31.77 -4.03 28.04
N PRO B 247 31.90 -5.04 28.92
CA PRO B 247 31.16 -6.29 28.76
C PRO B 247 29.68 -6.12 28.96
N GLU B 248 29.27 -5.15 29.79
CA GLU B 248 27.86 -4.80 29.99
C GLU B 248 27.11 -4.34 28.71
N GLU B 249 27.82 -4.23 27.58
CA GLU B 249 27.26 -3.66 26.37
C GLU B 249 27.06 -4.72 25.32
N ARG B 250 27.95 -5.69 25.27
CA ARG B 250 27.76 -6.83 24.39
C ARG B 250 26.29 -7.28 24.50
N PRO B 251 25.67 -7.70 23.39
CA PRO B 251 24.24 -8.04 23.42
C PRO B 251 23.99 -9.38 24.06
N THR B 252 22.78 -9.61 24.55
CA THR B 252 22.39 -10.90 25.14
C THR B 252 22.24 -11.99 24.09
N PHE B 253 22.37 -13.24 24.55
CA PHE B 253 22.04 -14.39 23.70
C PHE B 253 20.59 -14.35 23.14
N GLU B 254 19.66 -13.75 23.89
CA GLU B 254 18.31 -13.52 23.42
C GLU B 254 18.30 -12.52 22.23
N TYR B 255 19.09 -11.45 22.28
CA TYR B 255 19.16 -10.59 21.11
C TYR B 255 19.85 -11.41 20.00
N LEU B 256 21.01 -11.98 20.32
CA LEU B 256 21.81 -12.68 19.31
C LEU B 256 20.92 -13.63 18.53
N GLN B 257 20.13 -14.43 19.30
CA GLN B 257 19.36 -15.55 18.79
C GLN B 257 18.37 -15.06 17.76
N ALA B 258 17.63 -14.01 18.11
CA ALA B 258 16.57 -13.49 17.26
C ALA B 258 17.12 -12.89 15.97
N PHE B 259 18.21 -12.14 16.11
CA PHE B 259 18.90 -11.58 14.98
C PHE B 259 19.27 -12.68 13.98
N LEU B 260 19.70 -13.84 14.50
CA LEU B 260 20.23 -14.87 13.62
C LEU B 260 19.06 -15.66 13.05
N GLU B 261 17.93 -15.58 13.72
CA GLU B 261 16.76 -16.31 13.30
C GLU B 261 16.14 -15.59 12.09
N ASP B 262 16.21 -14.26 12.09
CA ASP B 262 15.53 -13.45 11.10
C ASP B 262 16.51 -12.97 10.05
N TYR B 263 17.74 -13.48 10.08
CA TYR B 263 18.83 -12.88 9.30
C TYR B 263 18.42 -12.60 7.86
N PHE B 264 17.84 -13.61 7.22
CA PHE B 264 17.59 -13.54 5.79
C PHE B 264 16.33 -12.81 5.34
N THR B 265 15.57 -12.28 6.28
CA THR B 265 14.40 -11.45 5.97
C THR B 265 14.63 -10.00 6.38
N SER B 266 15.11 -9.81 7.61
CA SER B 266 15.25 -8.48 8.20
C SER B 266 16.56 -7.78 7.90
N THR B 267 17.62 -8.55 7.72
CA THR B 267 18.97 -8.00 7.60
C THR B 267 19.61 -8.09 6.21
N GLU B 268 19.55 -9.29 5.60
CA GLU B 268 20.06 -9.60 4.27
C GLU B 268 19.01 -10.45 3.51
N PRO B 269 17.96 -9.79 3.03
CA PRO B 269 16.93 -10.46 2.23
C PRO B 269 17.25 -10.45 0.75
N GLN B 270 18.40 -9.90 0.38
CA GLN B 270 18.83 -9.84 -1.01
C GLN B 270 20.21 -10.49 -1.13
N TYR B 271 20.40 -11.57 -0.36
CA TYR B 271 21.65 -12.33 -0.34
C TYR B 271 21.67 -13.35 -1.47
N GLN B 272 22.75 -13.37 -2.24
CA GLN B 272 22.95 -14.36 -3.30
C GLN B 272 24.14 -15.26 -2.91
N PRO B 273 24.05 -16.58 -3.11
CA PRO B 273 25.14 -17.49 -2.75
C PRO B 273 26.42 -17.22 -3.57
N GLY B 274 27.59 -17.18 -2.94
CA GLY B 274 28.85 -16.95 -3.63
C GLY B 274 29.76 -18.16 -3.81
N GLU B 275 31.04 -17.91 -4.05
CA GLU B 275 32.03 -18.98 -4.20
C GLU B 275 31.90 -19.95 -3.03
N ASN B 276 31.92 -19.39 -1.82
CA ASN B 276 32.05 -20.16 -0.59
C ASN B 276 30.94 -20.03 0.46
N LEU B 277 30.46 -18.81 0.69
CA LEU B 277 29.41 -18.56 1.70
C LEU B 277 28.10 -18.22 1.01
N TRP C 1 -31.53 44.47 -9.49
CA TRP C 1 -30.81 43.22 -9.71
C TRP C 1 -29.70 42.92 -8.70
N ALA C 2 -29.50 43.81 -7.73
CA ALA C 2 -28.46 43.62 -6.74
C ALA C 2 -28.88 42.66 -5.63
N LEU C 3 -28.00 41.74 -5.30
CA LEU C 3 -28.25 40.75 -4.25
C LEU C 3 -27.27 41.01 -3.11
N ASN C 4 -27.51 40.42 -1.94
CA ASN C 4 -26.60 40.60 -0.79
C ASN C 4 -25.86 39.33 -0.45
N MET C 5 -24.54 39.43 -0.42
CA MET C 5 -23.66 38.30 -0.14
C MET C 5 -23.97 37.59 1.19
N LYS C 6 -24.42 38.32 2.19
CA LYS C 6 -24.75 37.73 3.49
C LYS C 6 -25.90 36.74 3.41
N GLU C 7 -26.74 36.87 2.38
CA GLU C 7 -27.87 35.95 2.24
C GLU C 7 -27.56 34.79 1.30
N LEU C 8 -26.34 34.74 0.80
CA LEU C 8 -25.91 33.69 -0.10
C LEU C 8 -24.92 32.75 0.57
N LYS C 9 -25.24 31.47 0.62
CA LYS C 9 -24.32 30.49 1.20
C LYS C 9 -23.92 29.53 0.10
N LEU C 10 -22.64 29.59 -0.30
CA LEU C 10 -22.12 28.72 -1.35
C LEU C 10 -21.96 27.30 -0.84
N LEU C 11 -22.84 26.41 -1.25
CA LEU C 11 -22.82 25.03 -0.81
C LEU C 11 -21.76 24.14 -1.47
N GLN C 12 -21.83 23.97 -2.78
CA GLN C 12 -20.83 23.12 -3.43
C GLN C 12 -20.57 23.55 -4.86
N THR C 13 -19.45 23.10 -5.42
CA THR C 13 -19.09 23.43 -6.79
C THR C 13 -19.70 22.42 -7.75
N ILE C 14 -20.60 22.87 -8.62
CA ILE C 14 -21.24 21.98 -9.56
C ILE C 14 -20.34 21.68 -10.74
N GLY C 15 -19.51 22.64 -11.11
CA GLY C 15 -18.61 22.44 -12.23
C GLY C 15 -17.51 23.48 -12.30
N LYS C 16 -16.30 23.02 -12.57
CA LYS C 16 -15.16 23.91 -12.71
C LYS C 16 -14.78 23.88 -14.19
N GLY C 17 -15.20 24.90 -14.91
CA GLY C 17 -14.93 24.96 -16.33
C GLY C 17 -13.76 25.83 -16.72
N GLU C 18 -13.50 25.89 -18.02
CA GLU C 18 -12.40 26.68 -18.53
C GLU C 18 -12.65 28.18 -18.49
N PHE C 19 -13.89 28.62 -18.69
CA PHE C 19 -14.14 30.05 -18.68
C PHE C 19 -14.86 30.59 -17.44
N GLY C 20 -15.25 29.69 -16.55
CA GLY C 20 -15.93 30.09 -15.33
C GLY C 20 -16.24 28.90 -14.44
N ASP C 21 -16.75 29.17 -13.25
CA ASP C 21 -17.12 28.13 -12.31
C ASP C 21 -18.59 28.26 -11.95
N VAL C 22 -19.23 27.15 -11.62
CA VAL C 22 -20.62 27.18 -11.23
C VAL C 22 -20.77 26.44 -9.91
N MET C 23 -21.48 27.04 -8.98
CA MET C 23 -21.68 26.45 -7.67
C MET C 23 -23.14 26.44 -7.29
N LEU C 24 -23.54 25.41 -6.56
CA LEU C 24 -24.91 25.31 -6.08
C LEU C 24 -24.90 26.17 -4.83
N GLY C 25 -25.97 26.93 -4.60
CA GLY C 25 -25.98 27.77 -3.43
C GLY C 25 -27.34 27.87 -2.79
N ASP C 26 -27.40 28.63 -1.72
CA ASP C 26 -28.64 28.84 -1.00
C ASP C 26 -28.77 30.33 -0.81
N TYR C 27 -29.83 30.90 -1.40
CA TYR C 27 -30.07 32.32 -1.28
C TYR C 27 -31.46 32.55 -0.71
N ARG C 28 -31.50 33.09 0.50
CA ARG C 28 -32.76 33.34 1.17
C ARG C 28 -33.61 32.08 1.21
N GLY C 29 -32.96 30.95 1.46
CA GLY C 29 -33.68 29.69 1.57
C GLY C 29 -33.89 28.84 0.33
N ASN C 30 -33.61 29.40 -0.84
CA ASN C 30 -33.80 28.64 -2.07
C ASN C 30 -32.52 28.26 -2.76
N LYS C 31 -32.51 27.06 -3.33
CA LYS C 31 -31.35 26.60 -4.07
C LYS C 31 -31.17 27.56 -5.23
N VAL C 32 -29.93 27.89 -5.53
CA VAL C 32 -29.64 28.82 -6.60
C VAL C 32 -28.31 28.45 -7.26
N ALA C 33 -28.07 28.95 -8.48
CA ALA C 33 -26.81 28.67 -9.16
C ALA C 33 -25.99 29.94 -9.15
N VAL C 34 -24.72 29.81 -8.81
CA VAL C 34 -23.84 30.96 -8.77
C VAL C 34 -22.66 30.75 -9.68
N LYS C 35 -22.43 31.72 -10.56
CA LYS C 35 -21.37 31.64 -11.53
C LYS C 35 -20.36 32.76 -11.37
N CYS C 36 -19.09 32.45 -11.62
CA CYS C 36 -18.05 33.47 -11.57
C CYS C 36 -17.31 33.28 -12.90
N ILE C 37 -16.78 34.36 -13.45
CA ILE C 37 -16.11 34.32 -14.75
C ILE C 37 -14.59 34.44 -14.64
N LYS C 38 -13.89 33.48 -15.23
CA LYS C 38 -12.43 33.47 -15.19
C LYS C 38 -11.76 34.38 -16.22
N ASN C 39 -10.48 34.69 -16.00
CA ASN C 39 -9.68 35.52 -16.90
C ASN C 39 -10.38 36.81 -17.29
N ASP C 40 -11.00 37.47 -16.31
CA ASP C 40 -11.73 38.69 -16.54
C ASP C 40 -11.23 39.83 -15.65
N ALA C 41 -9.96 40.19 -15.84
CA ALA C 41 -9.30 41.24 -15.06
C ALA C 41 -10.05 42.54 -14.85
N THR C 42 -10.69 43.05 -15.89
CA THR C 42 -11.41 44.32 -15.77
C THR C 42 -12.85 44.11 -15.42
N ALA C 43 -13.26 42.85 -15.33
CA ALA C 43 -14.63 42.49 -15.01
C ALA C 43 -15.62 42.84 -16.12
N GLN C 44 -15.12 43.17 -17.31
CA GLN C 44 -16.04 43.51 -18.38
C GLN C 44 -16.79 42.31 -18.96
N ALA C 45 -16.19 41.13 -18.86
CA ALA C 45 -16.87 39.92 -19.34
C ALA C 45 -18.05 39.74 -18.38
N PHE C 46 -17.78 39.89 -17.09
CA PHE C 46 -18.80 39.80 -16.06
C PHE C 46 -19.92 40.81 -16.35
N LEU C 47 -19.56 42.08 -16.55
CA LEU C 47 -20.56 43.09 -16.81
C LEU C 47 -21.41 42.75 -18.04
N ALA C 48 -20.75 42.42 -19.14
CA ALA C 48 -21.42 42.07 -20.38
C ALA C 48 -22.43 40.94 -20.21
N GLU C 49 -22.06 39.91 -19.46
CA GLU C 49 -22.95 38.78 -19.28
C GLU C 49 -24.13 39.11 -18.41
N ALA C 50 -23.86 39.82 -17.33
CA ALA C 50 -24.94 40.20 -16.42
C ALA C 50 -25.91 41.09 -17.16
N SER C 51 -25.41 42.13 -17.81
CA SER C 51 -26.25 43.07 -18.54
C SER C 51 -27.20 42.40 -19.50
N VAL C 52 -26.65 41.63 -20.43
CA VAL C 52 -27.51 41.01 -21.39
C VAL C 52 -28.59 40.18 -20.69
N MET C 53 -28.20 39.50 -19.60
CA MET C 53 -29.16 38.67 -18.87
C MET C 53 -30.31 39.47 -18.27
N THR C 54 -30.06 40.72 -17.89
CA THR C 54 -31.14 41.53 -17.34
C THR C 54 -32.13 41.85 -18.47
N GLN C 55 -31.73 41.61 -19.71
CA GLN C 55 -32.59 41.92 -20.85
C GLN C 55 -33.28 40.71 -21.45
N LEU C 56 -32.97 39.52 -20.96
CA LEU C 56 -33.58 38.33 -21.52
C LEU C 56 -34.70 37.81 -20.66
N ARG C 57 -35.82 37.50 -21.30
CA ARG C 57 -36.95 36.98 -20.56
C ARG C 57 -37.76 36.08 -21.47
N HIS C 58 -37.48 34.78 -21.38
CA HIS C 58 -38.18 33.79 -22.16
C HIS C 58 -38.21 32.57 -21.26
N SER C 59 -39.23 31.75 -21.38
CA SER C 59 -39.35 30.59 -20.51
C SER C 59 -38.33 29.48 -20.82
N ASN C 60 -37.56 29.66 -21.88
CA ASN C 60 -36.57 28.65 -22.26
C ASN C 60 -35.15 29.19 -22.22
N LEU C 61 -34.98 30.24 -21.43
CA LEU C 61 -33.67 30.85 -21.21
C LEU C 61 -33.48 30.83 -19.70
N VAL C 62 -32.32 30.36 -19.24
CA VAL C 62 -32.05 30.31 -17.81
C VAL C 62 -32.23 31.72 -17.28
N GLN C 63 -33.00 31.86 -16.20
CA GLN C 63 -33.28 33.18 -15.67
C GLN C 63 -32.31 33.78 -14.65
N LEU C 64 -31.94 35.04 -14.89
CA LEU C 64 -31.07 35.78 -14.00
C LEU C 64 -31.85 36.08 -12.72
N LEU C 65 -31.25 35.86 -11.56
CA LEU C 65 -31.91 36.18 -10.31
C LEU C 65 -31.30 37.44 -9.77
N GLY C 66 -30.03 37.66 -10.09
CA GLY C 66 -29.38 38.86 -9.60
C GLY C 66 -27.86 38.83 -9.67
N VAL C 67 -27.29 39.91 -9.21
CA VAL C 67 -25.86 40.06 -9.22
C VAL C 67 -25.31 40.34 -7.84
N ILE C 68 -24.10 39.84 -7.59
CA ILE C 68 -23.42 40.04 -6.33
C ILE C 68 -22.04 40.60 -6.56
N VAL C 69 -21.79 41.78 -6.02
CA VAL C 69 -20.50 42.44 -6.17
C VAL C 69 -19.86 42.76 -4.82
N GLU C 70 -18.88 41.98 -4.40
CA GLU C 70 -18.17 42.24 -3.14
C GLU C 70 -17.05 43.22 -3.49
N GLU C 71 -16.91 44.30 -2.71
CA GLU C 71 -15.87 45.29 -2.99
C GLU C 71 -14.46 44.70 -3.00
N LYS C 72 -14.29 43.54 -2.40
CA LYS C 72 -13.01 42.87 -2.35
C LYS C 72 -12.69 42.37 -3.76
N GLY C 73 -13.72 42.16 -4.57
CA GLY C 73 -13.49 41.70 -5.93
C GLY C 73 -14.25 40.46 -6.38
N GLY C 74 -14.91 39.76 -5.46
CA GLY C 74 -15.67 38.57 -5.84
C GLY C 74 -16.91 38.94 -6.65
N LEU C 75 -16.95 38.55 -7.91
CA LEU C 75 -18.06 38.88 -8.80
C LEU C 75 -18.90 37.66 -9.17
N TYR C 76 -20.18 37.68 -8.82
CA TYR C 76 -21.05 36.54 -9.10
C TYR C 76 -22.35 36.82 -9.81
N ILE C 77 -22.78 35.84 -10.60
CA ILE C 77 -24.03 35.93 -11.31
C ILE C 77 -24.90 34.84 -10.72
N VAL C 78 -25.98 35.24 -10.06
CA VAL C 78 -26.89 34.30 -9.44
C VAL C 78 -27.99 33.95 -10.43
N THR C 79 -28.21 32.66 -10.59
CA THR C 79 -29.15 32.16 -11.57
C THR C 79 -30.11 31.12 -11.02
N GLU C 80 -31.23 30.91 -11.68
CA GLU C 80 -32.16 29.91 -11.19
C GLU C 80 -31.42 28.57 -11.22
N TYR C 81 -31.72 27.70 -10.26
CA TYR C 81 -31.08 26.40 -10.19
C TYR C 81 -31.77 25.48 -11.17
N MET C 82 -30.99 24.67 -11.89
CA MET C 82 -31.55 23.73 -12.84
C MET C 82 -31.10 22.37 -12.33
N ALA C 83 -31.97 21.75 -11.55
CA ALA C 83 -31.72 20.47 -10.90
C ALA C 83 -31.18 19.31 -11.73
N LYS C 84 -31.54 19.20 -13.00
CA LYS C 84 -31.09 18.07 -13.81
C LYS C 84 -29.75 18.21 -14.54
N GLY C 85 -29.01 19.26 -14.25
CA GLY C 85 -27.71 19.44 -14.91
C GLY C 85 -27.80 19.72 -16.41
N SER C 86 -26.65 19.69 -17.08
CA SER C 86 -26.61 19.95 -18.52
C SER C 86 -27.39 18.90 -19.30
N LEU C 87 -27.85 19.30 -20.50
CA LEU C 87 -28.60 18.38 -21.34
C LEU C 87 -27.72 17.21 -21.78
N VAL C 88 -26.44 17.47 -21.98
CA VAL C 88 -25.48 16.44 -22.37
C VAL C 88 -25.53 15.30 -21.37
N ASP C 89 -25.29 15.61 -20.11
CA ASP C 89 -25.30 14.59 -19.08
C ASP C 89 -26.66 13.92 -18.98
N TYR C 90 -27.72 14.70 -18.88
CA TYR C 90 -29.06 14.12 -18.78
C TYR C 90 -29.27 13.04 -19.84
N LEU C 91 -28.82 13.32 -21.06
CA LEU C 91 -28.96 12.38 -22.15
C LEU C 91 -28.08 11.14 -21.91
N ARG C 92 -26.81 11.36 -21.59
CA ARG C 92 -25.91 10.25 -21.35
C ARG C 92 -26.37 9.36 -20.19
N SER C 93 -26.75 9.96 -19.07
CA SER C 93 -27.19 9.17 -17.93
C SER C 93 -28.39 8.30 -18.26
N ARG C 94 -29.54 8.91 -18.50
CA ARG C 94 -30.77 8.17 -18.79
C ARG C 94 -30.78 7.39 -20.10
N GLY C 95 -30.15 7.93 -21.13
CA GLY C 95 -30.05 7.26 -22.42
C GLY C 95 -31.25 6.67 -23.17
N ARG C 96 -30.93 6.07 -24.32
CA ARG C 96 -31.90 5.44 -25.22
C ARG C 96 -33.02 4.63 -24.60
N SER C 97 -32.72 3.87 -23.55
CA SER C 97 -33.72 3.03 -22.90
C SER C 97 -34.73 3.79 -22.05
N VAL C 98 -34.51 5.10 -21.88
CA VAL C 98 -35.41 5.90 -21.06
C VAL C 98 -36.08 7.04 -21.81
N LEU C 99 -35.29 7.75 -22.61
CA LEU C 99 -35.79 8.90 -23.37
C LEU C 99 -36.46 8.56 -24.70
N GLY C 100 -37.78 8.70 -24.75
CA GLY C 100 -38.52 8.40 -25.98
C GLY C 100 -38.35 9.47 -27.03
N GLY C 101 -38.97 9.26 -28.20
CA GLY C 101 -38.87 10.24 -29.28
C GLY C 101 -39.51 11.56 -28.94
N ASP C 102 -40.62 11.50 -28.23
CA ASP C 102 -41.31 12.72 -27.83
C ASP C 102 -40.40 13.56 -26.95
N CYS C 103 -39.70 12.91 -26.02
CA CYS C 103 -38.82 13.64 -25.11
C CYS C 103 -37.75 14.37 -25.92
N LEU C 104 -37.11 13.66 -26.83
CA LEU C 104 -36.07 14.24 -27.67
C LEU C 104 -36.58 15.40 -28.51
N LEU C 105 -37.73 15.23 -29.16
CA LEU C 105 -38.28 16.30 -29.96
C LEU C 105 -38.68 17.47 -29.06
N LYS C 106 -39.22 17.16 -27.89
CA LYS C 106 -39.63 18.20 -26.96
C LYS C 106 -38.46 19.08 -26.53
N PHE C 107 -37.29 18.46 -26.38
CA PHE C 107 -36.09 19.19 -26.00
C PHE C 107 -35.67 20.10 -27.16
N SER C 108 -35.77 19.57 -28.38
CA SER C 108 -35.40 20.31 -29.59
C SER C 108 -36.24 21.55 -29.74
N LEU C 109 -37.55 21.40 -29.51
CA LEU C 109 -38.46 22.52 -29.60
C LEU C 109 -38.16 23.53 -28.50
N ASP C 110 -37.84 23.05 -27.30
CA ASP C 110 -37.50 23.95 -26.19
C ASP C 110 -36.35 24.85 -26.60
N VAL C 111 -35.26 24.25 -27.06
CA VAL C 111 -34.10 25.01 -27.46
C VAL C 111 -34.43 25.89 -28.65
N CYS C 112 -35.19 25.34 -29.59
CA CYS C 112 -35.54 26.11 -30.77
C CYS C 112 -36.34 27.36 -30.44
N GLU C 113 -37.23 27.27 -29.47
CA GLU C 113 -38.01 28.45 -29.14
C GLU C 113 -37.15 29.47 -28.46
N ALA C 114 -36.18 29.01 -27.67
CA ALA C 114 -35.28 29.93 -26.98
C ALA C 114 -34.53 30.68 -28.05
N MET C 115 -34.06 29.93 -29.04
CA MET C 115 -33.30 30.54 -30.11
C MET C 115 -34.12 31.49 -30.96
N GLU C 116 -35.38 31.15 -31.22
CA GLU C 116 -36.24 32.02 -32.03
C GLU C 116 -36.41 33.33 -31.27
N TYR C 117 -36.48 33.22 -29.95
CA TYR C 117 -36.61 34.40 -29.09
C TYR C 117 -35.36 35.26 -29.19
N LEU C 118 -34.19 34.64 -29.10
CA LEU C 118 -32.95 35.40 -29.19
C LEU C 118 -32.86 36.10 -30.55
N GLU C 119 -33.12 35.37 -31.63
CA GLU C 119 -33.08 35.96 -32.96
C GLU C 119 -34.07 37.13 -33.04
N GLY C 120 -35.25 36.95 -32.44
CA GLY C 120 -36.26 37.98 -32.44
C GLY C 120 -35.86 39.22 -31.64
N ASN C 121 -34.86 39.08 -30.77
CA ASN C 121 -34.42 40.22 -30.00
C ASN C 121 -33.04 40.63 -30.45
N ASN C 122 -32.71 40.22 -31.66
CA ASN C 122 -31.44 40.57 -32.26
C ASN C 122 -30.20 40.13 -31.51
N PHE C 123 -30.24 38.95 -30.90
CA PHE C 123 -29.08 38.47 -30.17
C PHE C 123 -28.54 37.23 -30.85
N VAL C 124 -27.23 37.04 -30.74
CA VAL C 124 -26.56 35.88 -31.30
C VAL C 124 -25.91 35.19 -30.10
N HIS C 125 -26.18 33.91 -29.91
CA HIS C 125 -25.63 33.18 -28.78
C HIS C 125 -24.15 32.80 -28.94
N ARG C 126 -23.76 32.40 -30.14
CA ARG C 126 -22.38 32.02 -30.47
C ARG C 126 -21.81 30.85 -29.67
N ASP C 127 -22.59 30.22 -28.81
CA ASP C 127 -22.02 29.14 -28.03
C ASP C 127 -23.06 28.09 -27.72
N LEU C 128 -23.98 27.87 -28.66
CA LEU C 128 -25.04 26.88 -28.48
C LEU C 128 -24.57 25.43 -28.60
N ALA C 129 -24.78 24.65 -27.55
CA ALA C 129 -24.37 23.25 -27.56
C ALA C 129 -25.09 22.54 -26.45
N ALA C 130 -25.18 21.22 -26.53
CA ALA C 130 -25.89 20.48 -25.50
C ALA C 130 -25.33 20.73 -24.10
N ARG C 131 -24.03 21.02 -24.00
CA ARG C 131 -23.44 21.26 -22.70
C ARG C 131 -23.95 22.56 -22.09
N ASN C 132 -24.23 23.53 -22.95
CA ASN C 132 -24.71 24.82 -22.50
C ASN C 132 -26.23 24.91 -22.37
N VAL C 133 -26.90 23.76 -22.41
CA VAL C 133 -28.35 23.71 -22.26
C VAL C 133 -28.62 22.90 -21.00
N LEU C 134 -29.35 23.48 -20.07
CA LEU C 134 -29.63 22.83 -18.80
C LEU C 134 -31.08 22.36 -18.74
N VAL C 135 -31.34 21.40 -17.84
CA VAL C 135 -32.68 20.85 -17.68
C VAL C 135 -33.19 21.05 -16.27
N SER C 136 -34.39 21.58 -16.12
CA SER C 136 -34.99 21.82 -14.81
C SER C 136 -35.53 20.56 -14.17
N GLU C 137 -35.98 20.68 -12.92
CA GLU C 137 -36.51 19.54 -12.20
C GLU C 137 -37.68 18.87 -12.91
N ASP C 138 -38.49 19.63 -13.63
CA ASP C 138 -39.57 18.97 -14.35
C ASP C 138 -39.37 18.96 -15.88
N ASN C 139 -38.15 18.59 -16.25
CA ASN C 139 -37.72 18.42 -17.62
C ASN C 139 -37.79 19.50 -18.69
N VAL C 140 -37.72 20.76 -18.29
CA VAL C 140 -37.75 21.82 -19.28
C VAL C 140 -36.31 22.22 -19.61
N ALA C 141 -35.94 22.09 -20.89
CA ALA C 141 -34.60 22.44 -21.34
C ALA C 141 -34.52 23.94 -21.55
N LYS C 142 -33.46 24.56 -21.08
CA LYS C 142 -33.29 25.99 -21.24
C LYS C 142 -31.87 26.31 -21.66
N VAL C 143 -31.71 27.25 -22.57
CA VAL C 143 -30.39 27.65 -23.01
C VAL C 143 -29.77 28.44 -21.87
N SER C 144 -28.46 28.30 -21.68
CA SER C 144 -27.78 29.04 -20.61
C SER C 144 -26.45 29.54 -21.15
N ASP C 145 -25.60 30.00 -20.24
CA ASP C 145 -24.27 30.48 -20.57
C ASP C 145 -24.29 31.55 -21.65
N PHE C 146 -24.69 32.76 -21.28
CA PHE C 146 -24.76 33.86 -22.22
C PHE C 146 -23.53 34.73 -22.28
N GLY C 147 -22.38 34.18 -21.90
CA GLY C 147 -21.15 34.94 -21.96
C GLY C 147 -20.88 35.57 -23.32
N LEU C 148 -20.94 34.75 -24.37
CA LEU C 148 -20.67 35.22 -25.72
C LEU C 148 -21.85 35.89 -26.43
N THR C 149 -22.95 36.09 -25.72
CA THR C 149 -24.13 36.68 -26.33
C THR C 149 -24.02 38.18 -26.58
N LYS C 150 -24.11 38.56 -27.86
CA LYS C 150 -24.04 39.97 -28.27
C LYS C 150 -24.99 40.16 -29.45
N GLU C 151 -25.37 41.40 -29.72
CA GLU C 151 -26.26 41.67 -30.84
C GLU C 151 -25.49 41.31 -32.10
N ALA C 152 -26.22 41.14 -33.21
CA ALA C 152 -25.62 40.77 -34.50
C ALA C 152 -24.26 41.44 -34.68
N SER C 153 -23.21 40.71 -34.31
CA SER C 153 -21.82 41.18 -34.36
C SER C 153 -21.54 42.30 -35.36
N LYS C 160 -13.58 32.90 -27.37
CA LYS C 160 -13.29 32.08 -28.53
C LYS C 160 -14.43 31.06 -28.78
N LEU C 161 -14.69 30.76 -30.05
CA LEU C 161 -15.78 29.85 -30.42
C LEU C 161 -15.41 28.38 -30.53
N PRO C 162 -16.23 27.49 -29.96
CA PRO C 162 -16.00 26.05 -30.00
C PRO C 162 -16.08 25.54 -31.44
N VAL C 163 -14.91 25.20 -32.00
CA VAL C 163 -14.82 24.74 -33.37
C VAL C 163 -15.82 23.70 -33.84
N LYS C 164 -16.01 22.65 -33.04
CA LYS C 164 -16.94 21.59 -33.42
C LYS C 164 -18.40 22.02 -33.48
N TRP C 165 -18.72 23.18 -32.93
CA TRP C 165 -20.09 23.67 -32.93
C TRP C 165 -20.29 24.91 -33.78
N THR C 166 -19.19 25.57 -34.16
CA THR C 166 -19.26 26.80 -34.92
C THR C 166 -19.27 26.67 -36.44
N ALA C 167 -20.09 27.50 -37.08
CA ALA C 167 -20.20 27.49 -38.53
C ALA C 167 -18.89 27.97 -39.17
N PRO C 168 -18.55 27.41 -40.35
CA PRO C 168 -17.34 27.76 -41.09
C PRO C 168 -17.14 29.26 -41.27
N GLU C 169 -18.13 29.93 -41.83
CA GLU C 169 -18.00 31.38 -42.02
C GLU C 169 -17.71 32.06 -40.70
N ALA C 170 -18.27 31.55 -39.61
CA ALA C 170 -18.05 32.19 -38.32
C ALA C 170 -16.59 32.11 -37.84
N LEU C 171 -15.97 30.94 -37.95
CA LEU C 171 -14.59 30.78 -37.53
C LEU C 171 -13.66 31.62 -38.40
N ARG C 172 -14.02 31.78 -39.67
CA ARG C 172 -13.20 32.54 -40.61
C ARG C 172 -13.50 34.04 -40.62
N GLU C 173 -14.77 34.41 -40.73
CA GLU C 173 -15.19 35.81 -40.74
C GLU C 173 -15.12 36.39 -39.34
N LYS C 174 -14.94 37.70 -39.21
CA LYS C 174 -14.89 38.28 -37.89
C LYS C 174 -16.28 38.56 -37.33
N LYS C 175 -17.29 38.46 -38.19
CA LYS C 175 -18.65 38.69 -37.75
C LYS C 175 -19.43 37.37 -37.67
N PHE C 176 -20.30 37.32 -36.66
CA PHE C 176 -21.13 36.17 -36.39
C PHE C 176 -22.57 36.57 -36.71
N SER C 177 -23.43 35.60 -36.98
CA SER C 177 -24.82 35.92 -37.27
C SER C 177 -25.71 34.77 -36.85
N THR C 178 -27.01 35.05 -36.78
CA THR C 178 -28.00 34.05 -36.42
C THR C 178 -27.80 32.79 -37.28
N LYS C 179 -27.36 32.97 -38.52
CA LYS C 179 -27.16 31.79 -39.36
C LYS C 179 -26.09 30.86 -38.83
N SER C 180 -25.12 31.39 -38.09
CA SER C 180 -24.09 30.52 -37.52
C SER C 180 -24.75 29.83 -36.33
N ASP C 181 -25.64 30.56 -35.64
CA ASP C 181 -26.33 29.97 -34.51
C ASP C 181 -27.16 28.79 -35.03
N VAL C 182 -27.83 28.98 -36.16
CA VAL C 182 -28.63 27.91 -36.74
C VAL C 182 -27.73 26.70 -37.01
N TRP C 183 -26.54 26.96 -37.55
CA TRP C 183 -25.59 25.88 -37.80
C TRP C 183 -25.36 25.14 -36.48
N SER C 184 -25.07 25.88 -35.41
CA SER C 184 -24.82 25.25 -34.12
C SER C 184 -26.05 24.45 -33.66
N PHE C 185 -27.24 24.96 -33.97
CA PHE C 185 -28.46 24.25 -33.59
C PHE C 185 -28.41 22.88 -34.28
N GLY C 186 -28.02 22.89 -35.55
CA GLY C 186 -27.93 21.64 -36.27
C GLY C 186 -27.02 20.67 -35.53
N ILE C 187 -25.85 21.16 -35.12
CA ILE C 187 -24.91 20.33 -34.39
C ILE C 187 -25.53 19.81 -33.09
N LEU C 188 -26.19 20.70 -32.35
CA LEU C 188 -26.84 20.36 -31.09
C LEU C 188 -27.89 19.26 -31.24
N LEU C 189 -28.72 19.35 -32.28
CA LEU C 189 -29.74 18.33 -32.53
C LEU C 189 -29.05 16.99 -32.65
N TRP C 190 -27.96 16.98 -33.43
CA TRP C 190 -27.18 15.76 -33.61
C TRP C 190 -26.77 15.25 -32.23
N GLU C 191 -26.37 16.16 -31.35
CA GLU C 191 -25.98 15.76 -30.00
C GLU C 191 -27.21 15.15 -29.31
N ILE C 192 -28.36 15.79 -29.44
CA ILE C 192 -29.56 15.29 -28.81
C ILE C 192 -29.89 13.87 -29.26
N TYR C 193 -30.05 13.66 -30.55
CA TYR C 193 -30.37 12.34 -31.04
C TYR C 193 -29.23 11.33 -30.99
N SER C 194 -28.08 11.77 -30.48
CA SER C 194 -26.92 10.89 -30.32
C SER C 194 -26.77 10.58 -28.83
N PHE C 195 -27.63 11.18 -28.02
CA PHE C 195 -27.60 10.98 -26.58
C PHE C 195 -26.33 11.45 -25.89
N GLY C 196 -25.87 12.62 -26.28
CA GLY C 196 -24.69 13.22 -25.69
C GLY C 196 -23.37 12.94 -26.37
N ARG C 197 -23.36 12.02 -27.33
CA ARG C 197 -22.12 11.69 -28.03
C ARG C 197 -21.50 12.97 -28.56
N VAL C 198 -20.17 13.00 -28.64
CA VAL C 198 -19.44 14.17 -29.12
C VAL C 198 -19.40 14.28 -30.64
N PRO C 199 -19.63 15.48 -31.17
CA PRO C 199 -19.62 15.74 -32.61
C PRO C 199 -18.40 15.21 -33.34
N TYR C 200 -18.57 14.90 -34.63
CA TYR C 200 -17.49 14.39 -35.48
C TYR C 200 -16.66 13.34 -34.76
N PRO C 201 -17.28 12.21 -34.41
CA PRO C 201 -16.70 11.06 -33.70
C PRO C 201 -15.39 10.47 -34.24
N ARG C 202 -15.37 10.11 -35.52
CA ARG C 202 -14.17 9.51 -36.09
C ARG C 202 -13.45 10.44 -37.07
N ILE C 203 -12.94 11.55 -36.53
CA ILE C 203 -12.22 12.55 -37.30
C ILE C 203 -11.34 13.36 -36.35
N PRO C 204 -10.13 13.73 -36.76
CA PRO C 204 -9.25 14.51 -35.90
C PRO C 204 -9.69 15.98 -35.88
N LEU C 205 -9.68 16.58 -34.70
CA LEU C 205 -10.09 17.98 -34.54
C LEU C 205 -9.44 18.95 -35.52
N LYS C 206 -8.42 18.48 -36.22
CA LYS C 206 -7.69 19.30 -37.17
C LYS C 206 -8.14 19.07 -38.61
N ASP C 207 -9.16 18.23 -38.76
CA ASP C 207 -9.70 17.88 -40.07
C ASP C 207 -11.12 18.42 -40.24
N VAL C 208 -11.80 18.59 -39.11
CA VAL C 208 -13.17 19.07 -39.09
C VAL C 208 -13.45 20.15 -40.11
N VAL C 209 -13.02 21.37 -39.82
CA VAL C 209 -13.29 22.48 -40.73
C VAL C 209 -12.91 22.18 -42.18
N PRO C 210 -11.70 21.66 -42.43
CA PRO C 210 -11.41 21.40 -43.84
C PRO C 210 -12.30 20.32 -44.45
N ARG C 211 -12.60 19.26 -43.70
CA ARG C 211 -13.48 18.20 -44.22
C ARG C 211 -14.86 18.81 -44.44
N VAL C 212 -15.39 19.45 -43.40
CA VAL C 212 -16.70 20.10 -43.44
C VAL C 212 -16.81 21.01 -44.65
N GLU C 213 -15.84 21.89 -44.84
CA GLU C 213 -15.85 22.81 -45.96
C GLU C 213 -15.73 22.07 -47.28
N LYS C 214 -15.27 20.83 -47.21
CA LYS C 214 -15.16 20.00 -48.40
C LYS C 214 -16.45 19.20 -48.49
N GLY C 215 -17.49 19.73 -47.82
CA GLY C 215 -18.81 19.12 -47.82
C GLY C 215 -19.12 18.00 -46.85
N TYR C 216 -18.19 17.64 -45.98
CA TYR C 216 -18.48 16.57 -45.05
C TYR C 216 -19.65 16.95 -44.14
N LYS C 217 -20.40 15.94 -43.71
CA LYS C 217 -21.54 16.14 -42.82
C LYS C 217 -21.67 14.86 -42.03
N MET C 218 -21.83 14.98 -40.72
CA MET C 218 -21.98 13.79 -39.88
C MET C 218 -23.14 12.92 -40.35
N ASP C 219 -23.08 11.64 -40.02
CA ASP C 219 -24.16 10.74 -40.42
C ASP C 219 -25.31 10.86 -39.42
N ALA C 220 -26.52 10.62 -39.90
CA ALA C 220 -27.67 10.65 -39.03
C ALA C 220 -27.39 9.67 -37.89
N PRO C 221 -27.64 10.07 -36.64
CA PRO C 221 -27.38 9.17 -35.50
C PRO C 221 -28.15 7.85 -35.62
N ASP C 222 -27.87 6.92 -34.72
CA ASP C 222 -28.58 5.65 -34.76
C ASP C 222 -30.04 5.82 -34.36
N GLY C 223 -30.94 5.28 -35.17
CA GLY C 223 -32.37 5.37 -34.89
C GLY C 223 -32.97 6.76 -35.00
N CYS C 224 -32.25 7.66 -35.65
CA CYS C 224 -32.70 9.04 -35.82
C CYS C 224 -33.78 9.13 -36.88
N PRO C 225 -34.85 9.89 -36.61
CA PRO C 225 -35.93 10.04 -37.59
C PRO C 225 -35.39 10.74 -38.83
N PRO C 226 -35.68 10.22 -40.02
CA PRO C 226 -35.19 10.87 -41.24
C PRO C 226 -35.52 12.35 -41.30
N ALA C 227 -36.74 12.70 -40.89
CA ALA C 227 -37.14 14.10 -40.90
C ALA C 227 -36.28 14.93 -39.96
N VAL C 228 -35.91 14.37 -38.83
CA VAL C 228 -35.08 15.11 -37.89
C VAL C 228 -33.72 15.36 -38.49
N TYR C 229 -33.17 14.34 -39.14
CA TYR C 229 -31.89 14.45 -39.77
C TYR C 229 -31.90 15.48 -40.88
N GLU C 230 -33.02 15.63 -41.57
CA GLU C 230 -33.11 16.61 -42.64
C GLU C 230 -33.10 18.03 -42.10
N VAL C 231 -33.52 18.18 -40.84
CA VAL C 231 -33.48 19.49 -40.22
C VAL C 231 -32.00 19.77 -39.95
N MET C 232 -31.31 18.79 -39.38
CA MET C 232 -29.88 18.93 -39.12
C MET C 232 -29.23 19.36 -40.44
N LYS C 233 -29.36 18.54 -41.47
CA LYS C 233 -28.75 18.84 -42.74
C LYS C 233 -29.07 20.24 -43.23
N ASN C 234 -30.32 20.63 -43.05
CA ASN C 234 -30.74 21.94 -43.51
C ASN C 234 -29.96 23.00 -42.74
N CYS C 235 -29.51 22.67 -41.53
CA CYS C 235 -28.75 23.64 -40.76
C CYS C 235 -27.31 23.70 -41.24
N TRP C 236 -26.86 22.61 -41.85
CA TRP C 236 -25.49 22.51 -42.32
C TRP C 236 -25.20 22.94 -43.76
N HIS C 237 -26.08 23.71 -44.38
CA HIS C 237 -25.78 24.14 -45.74
C HIS C 237 -24.53 25.01 -45.65
N LEU C 238 -23.65 24.94 -46.65
CA LEU C 238 -22.45 25.77 -46.61
C LEU C 238 -22.77 27.22 -46.86
N ASP C 239 -23.82 27.50 -47.62
CA ASP C 239 -24.17 28.89 -47.88
C ASP C 239 -25.15 29.37 -46.82
N ALA C 240 -24.59 29.95 -45.78
CA ALA C 240 -25.35 30.48 -44.64
C ALA C 240 -26.74 31.03 -44.94
N ALA C 241 -26.87 31.89 -45.95
CA ALA C 241 -28.16 32.52 -46.26
C ALA C 241 -29.27 31.53 -46.57
N MET C 242 -28.87 30.35 -47.02
CA MET C 242 -29.80 29.30 -47.38
C MET C 242 -30.30 28.56 -46.14
N ARG C 243 -29.64 28.78 -45.00
CA ARG C 243 -30.04 28.10 -43.77
C ARG C 243 -31.37 28.61 -43.27
N PRO C 244 -32.13 27.72 -42.61
CA PRO C 244 -33.42 28.16 -42.11
C PRO C 244 -33.35 29.16 -40.96
N SER C 245 -34.43 29.90 -40.86
CA SER C 245 -34.70 30.81 -39.76
C SER C 245 -35.08 30.05 -38.49
N PHE C 246 -34.99 30.51 -37.32
CA PHE C 246 -35.37 29.69 -36.18
C PHE C 246 -36.88 29.46 -36.20
N LEU C 247 -37.63 30.44 -36.70
CA LEU C 247 -39.07 30.28 -36.81
C LEU C 247 -39.33 29.16 -37.82
N GLN C 248 -38.55 29.11 -38.91
CA GLN C 248 -38.77 28.04 -39.89
C GLN C 248 -38.37 26.70 -39.29
N LEU C 249 -37.41 26.73 -38.37
CA LEU C 249 -37.01 25.49 -37.73
C LEU C 249 -38.13 25.03 -36.81
N ARG C 250 -38.73 25.95 -36.06
CA ARG C 250 -39.81 25.59 -35.16
C ARG C 250 -40.97 25.00 -35.94
N GLU C 251 -41.37 25.70 -37.00
CA GLU C 251 -42.46 25.24 -37.85
C GLU C 251 -42.23 23.82 -38.37
N GLN C 252 -41.01 23.52 -38.82
CA GLN C 252 -40.73 22.19 -39.33
C GLN C 252 -40.68 21.10 -38.26
N LEU C 253 -40.19 21.46 -37.07
CA LEU C 253 -40.13 20.52 -35.97
C LEU C 253 -41.58 20.26 -35.55
N GLU C 254 -42.41 21.29 -35.66
CA GLU C 254 -43.83 21.18 -35.32
C GLU C 254 -44.53 20.37 -36.41
N HIS C 255 -44.08 20.51 -37.66
CA HIS C 255 -44.70 19.74 -38.74
C HIS C 255 -44.38 18.28 -38.51
N ILE C 256 -43.19 18.02 -37.98
CA ILE C 256 -42.74 16.66 -37.70
C ILE C 256 -43.58 16.08 -36.56
N LYS C 257 -43.72 16.85 -35.50
CA LYS C 257 -44.48 16.41 -34.33
C LYS C 257 -45.93 16.16 -34.69
N THR C 258 -46.50 17.10 -35.43
CA THR C 258 -47.90 17.02 -35.85
C THR C 258 -48.26 15.76 -36.62
N HIS C 259 -47.32 15.22 -37.40
CA HIS C 259 -47.56 14.00 -38.18
C HIS C 259 -46.82 12.82 -37.56
N GLU C 260 -46.27 13.05 -36.38
CA GLU C 260 -45.55 12.02 -35.65
C GLU C 260 -44.46 11.38 -36.49
N LEU C 261 -43.78 12.18 -37.29
CA LEU C 261 -42.70 11.67 -38.12
C LEU C 261 -41.46 11.32 -37.30
N HIS C 262 -41.55 11.47 -35.98
CA HIS C 262 -40.42 11.16 -35.12
C HIS C 262 -40.62 9.87 -34.32
N LEU C 263 -41.81 9.29 -34.41
CA LEU C 263 -42.11 8.07 -33.67
C LEU C 263 -42.15 6.83 -34.55
N LYS D 1 -33.99 -33.12 -22.93
CA LYS D 1 -32.99 -32.06 -23.16
C LYS D 1 -32.83 -31.60 -24.64
N ASP D 2 -32.21 -30.43 -24.78
CA ASP D 2 -31.91 -29.78 -26.07
C ASP D 2 -30.90 -30.53 -26.96
N ALA D 3 -30.83 -30.11 -28.23
CA ALA D 3 -29.82 -30.63 -29.18
C ALA D 3 -28.46 -29.92 -29.06
N TRP D 4 -28.55 -28.57 -27.05
CA TRP D 4 -27.19 -28.17 -26.65
C TRP D 4 -26.39 -29.41 -26.21
N GLU D 5 -27.09 -30.52 -25.99
CA GLU D 5 -26.54 -31.70 -25.30
C GLU D 5 -25.63 -32.55 -26.18
N ILE D 6 -24.44 -32.86 -25.66
CA ILE D 6 -23.41 -33.65 -26.35
C ILE D 6 -23.10 -34.98 -25.64
N PRO D 7 -22.55 -35.92 -26.39
CA PRO D 7 -22.03 -37.15 -25.77
C PRO D 7 -20.81 -36.80 -24.93
N ARG D 8 -20.73 -37.39 -23.75
CA ARG D 8 -19.63 -37.15 -22.88
C ARG D 8 -18.44 -38.06 -23.19
N GLU D 9 -18.26 -38.40 -24.47
CA GLU D 9 -17.01 -38.98 -24.98
C GLU D 9 -16.37 -38.05 -26.01
N SER D 10 -17.17 -37.15 -26.58
CA SER D 10 -16.67 -36.11 -27.46
C SER D 10 -15.70 -35.18 -26.71
N LEU D 11 -15.91 -34.99 -25.41
CA LEU D 11 -15.02 -34.20 -24.58
C LEU D 11 -13.74 -34.94 -24.22
N ARG D 12 -12.71 -34.16 -23.98
CA ARG D 12 -11.37 -34.67 -23.83
C ARG D 12 -10.65 -33.71 -22.90
N LEU D 13 -10.76 -33.96 -21.60
CA LEU D 13 -10.20 -33.08 -20.58
C LEU D 13 -8.69 -33.26 -20.54
N GLU D 14 -7.98 -32.20 -20.91
CA GLU D 14 -6.53 -32.25 -21.13
C GLU D 14 -5.75 -31.60 -19.98
N VAL D 15 -5.58 -30.28 -20.02
CA VAL D 15 -4.81 -29.55 -19.00
C VAL D 15 -5.71 -28.89 -17.98
N LYS D 16 -5.39 -29.06 -16.70
CA LYS D 16 -6.13 -28.45 -15.61
C LYS D 16 -5.75 -26.98 -15.47
N LEU D 17 -6.72 -26.10 -15.69
CA LEU D 17 -6.48 -24.68 -15.59
C LEU D 17 -6.37 -24.27 -14.13
N GLY D 18 -7.47 -24.44 -13.41
CA GLY D 18 -7.51 -24.18 -11.99
C GLY D 18 -8.59 -24.99 -11.32
N GLN D 19 -8.87 -24.64 -10.07
CA GLN D 19 -9.84 -25.34 -9.26
C GLN D 19 -10.73 -24.35 -8.54
N GLY D 20 -10.99 -24.62 -7.27
CA GLY D 20 -11.93 -23.85 -6.49
C GLY D 20 -12.96 -24.71 -5.79
N CYS D 21 -13.92 -24.04 -5.14
CA CYS D 21 -14.89 -24.73 -4.28
C CYS D 21 -16.01 -25.44 -5.05
N PHE D 22 -16.33 -24.92 -6.24
CA PHE D 22 -17.53 -25.29 -7.01
C PHE D 22 -17.14 -26.13 -8.23
N GLY D 23 -16.29 -27.12 -7.98
CA GLY D 23 -15.68 -27.91 -9.05
C GLY D 23 -14.48 -27.21 -9.66
N GLU D 24 -13.93 -27.83 -10.70
CA GLU D 24 -12.69 -27.39 -11.32
C GLU D 24 -12.91 -26.93 -12.78
N VAL D 25 -11.83 -26.56 -13.48
CA VAL D 25 -11.92 -26.10 -14.88
C VAL D 25 -10.71 -26.53 -15.71
N TRP D 26 -10.95 -27.03 -16.92
CA TRP D 26 -9.92 -27.65 -17.75
C TRP D 26 -9.89 -27.08 -19.16
N MET D 27 -8.72 -27.10 -19.79
CA MET D 27 -8.60 -26.97 -21.25
C MET D 27 -8.92 -28.32 -21.89
N GLY D 28 -9.18 -28.37 -23.19
CA GLY D 28 -9.49 -29.65 -23.82
C GLY D 28 -9.95 -29.66 -25.25
N THR D 29 -10.66 -30.74 -25.63
CA THR D 29 -11.12 -30.96 -27.00
C THR D 29 -12.55 -31.48 -27.02
N TRP D 30 -13.38 -30.93 -27.91
CA TRP D 30 -14.76 -31.38 -28.10
C TRP D 30 -14.93 -31.91 -29.53
N ASN D 31 -15.57 -33.08 -29.64
CA ASN D 31 -15.63 -33.85 -30.88
C ASN D 31 -14.17 -34.01 -31.29
N GLY D 32 -13.84 -33.76 -32.55
CA GLY D 32 -12.50 -34.04 -33.04
C GLY D 32 -11.49 -33.00 -32.63
N THR D 33 -11.68 -31.80 -33.19
CA THR D 33 -10.85 -30.63 -32.88
C THR D 33 -11.64 -29.70 -31.94
N THR D 34 -11.55 -28.37 -32.16
CA THR D 34 -12.09 -27.34 -31.27
C THR D 34 -11.45 -27.35 -29.88
N ARG D 35 -10.76 -26.26 -29.56
CA ARG D 35 -10.29 -26.03 -28.21
C ARG D 35 -11.54 -25.69 -27.39
N VAL D 36 -11.54 -26.09 -26.12
CA VAL D 36 -12.65 -25.80 -25.24
C VAL D 36 -12.20 -25.65 -23.79
N ALA D 37 -12.84 -24.73 -23.08
CA ALA D 37 -12.86 -24.78 -21.63
C ALA D 37 -13.95 -25.77 -21.19
N ILE D 38 -13.71 -26.48 -20.08
CA ILE D 38 -14.66 -27.46 -19.54
C ILE D 38 -14.84 -27.23 -18.05
N LYS D 39 -15.89 -26.54 -17.68
CA LYS D 39 -16.24 -26.35 -16.28
C LYS D 39 -17.03 -27.55 -15.76
N THR D 40 -16.80 -27.92 -14.50
CA THR D 40 -17.46 -29.06 -13.85
C THR D 40 -17.98 -28.74 -12.46
N LEU D 41 -19.00 -29.48 -12.04
CA LEU D 41 -19.52 -29.41 -10.67
C LEU D 41 -19.02 -30.58 -9.85
N LYS D 42 -18.56 -30.29 -8.64
CA LYS D 42 -18.27 -31.32 -7.64
C LYS D 42 -19.61 -31.78 -7.04
N PRO D 43 -19.99 -33.05 -7.19
CA PRO D 43 -21.11 -33.57 -6.40
C PRO D 43 -20.69 -33.58 -4.91
N GLY D 44 -21.18 -32.57 -4.19
CA GLY D 44 -20.72 -32.25 -2.85
C GLY D 44 -21.08 -30.81 -2.49
N THR D 45 -20.77 -29.87 -3.38
CA THR D 45 -21.07 -28.46 -3.15
C THR D 45 -22.58 -28.14 -3.36
N MET D 46 -22.97 -27.80 -4.59
CA MET D 46 -24.33 -27.33 -4.88
C MET D 46 -25.09 -28.30 -5.78
N SER D 47 -26.42 -28.16 -5.79
CA SER D 47 -27.29 -29.11 -6.48
C SER D 47 -27.21 -28.97 -7.99
N PRO D 48 -27.72 -29.96 -8.74
CA PRO D 48 -27.95 -29.84 -10.18
C PRO D 48 -28.65 -28.53 -10.63
N GLU D 49 -29.76 -28.14 -9.99
CA GLU D 49 -30.49 -26.92 -10.38
C GLU D 49 -29.65 -25.62 -10.14
N ALA D 50 -28.79 -25.66 -9.12
CA ALA D 50 -27.90 -24.54 -8.77
C ALA D 50 -26.87 -24.25 -9.86
N PHE D 51 -25.98 -25.21 -10.12
CA PHE D 51 -24.94 -25.06 -11.13
C PHE D 51 -25.43 -25.30 -12.58
N LEU D 52 -26.75 -25.43 -12.76
CA LEU D 52 -27.40 -25.30 -14.07
C LEU D 52 -28.45 -24.17 -14.02
N GLN D 53 -28.00 -23.03 -13.48
CA GLN D 53 -28.62 -21.72 -13.68
C GLN D 53 -27.76 -20.98 -14.72
N GLU D 54 -26.43 -20.95 -14.51
CA GLU D 54 -25.50 -20.34 -15.49
C GLU D 54 -25.42 -21.12 -16.83
N ALA D 55 -26.44 -21.93 -17.11
CA ALA D 55 -26.76 -22.41 -18.47
C ALA D 55 -28.16 -21.95 -18.93
N GLN D 56 -29.09 -21.81 -17.99
CA GLN D 56 -30.36 -21.12 -18.26
C GLN D 56 -30.11 -19.77 -18.95
N VAL D 57 -29.19 -19.00 -18.38
CA VAL D 57 -28.76 -17.71 -18.93
C VAL D 57 -27.76 -17.88 -20.08
N MET D 58 -26.65 -18.57 -19.83
CA MET D 58 -25.55 -18.64 -20.82
C MET D 58 -26.02 -19.18 -22.18
N LYS D 59 -27.21 -19.77 -22.23
CA LYS D 59 -27.83 -20.15 -23.49
C LYS D 59 -28.45 -18.95 -24.20
N LYS D 60 -29.38 -18.25 -23.53
CA LYS D 60 -30.03 -17.06 -24.07
C LYS D 60 -29.04 -15.96 -24.52
N LEU D 61 -28.00 -15.71 -23.71
CA LEU D 61 -27.01 -14.65 -23.98
C LEU D 61 -25.90 -15.03 -24.97
N ARG D 62 -26.03 -14.56 -26.21
CA ARG D 62 -24.92 -14.51 -27.17
C ARG D 62 -24.50 -13.06 -27.48
N HIS D 63 -23.22 -12.75 -27.22
CA HIS D 63 -22.60 -11.47 -27.55
C HIS D 63 -21.08 -11.67 -27.72
N GLU D 64 -20.48 -10.95 -28.65
CA GLU D 64 -19.02 -10.98 -28.93
C GLU D 64 -18.10 -11.00 -27.72
N LYS D 65 -18.54 -10.35 -26.64
CA LYS D 65 -17.70 -10.08 -25.47
C LYS D 65 -18.21 -10.74 -24.21
N LEU D 66 -19.24 -11.57 -24.33
CA LEU D 66 -19.57 -12.53 -23.30
C LEU D 66 -19.00 -13.82 -23.80
N VAL D 67 -18.35 -14.56 -22.89
CA VAL D 67 -17.78 -15.86 -23.22
C VAL D 67 -18.90 -16.85 -23.56
N GLN D 68 -18.82 -17.46 -24.75
CA GLN D 68 -19.94 -18.23 -25.31
C GLN D 68 -20.02 -19.69 -24.88
N LEU D 69 -21.15 -20.05 -24.29
CA LEU D 69 -21.48 -21.44 -24.05
C LEU D 69 -21.55 -22.18 -25.38
N TYR D 70 -20.87 -23.32 -25.46
CA TYR D 70 -20.89 -24.19 -26.64
C TYR D 70 -21.89 -25.35 -26.48
N ALA D 71 -21.97 -25.95 -25.28
CA ALA D 71 -22.76 -27.19 -25.04
C ALA D 71 -22.64 -27.72 -23.60
N VAL D 72 -23.71 -28.27 -23.03
CA VAL D 72 -23.66 -28.84 -21.66
C VAL D 72 -23.82 -30.35 -21.61
N VAL D 73 -23.64 -30.88 -20.40
CA VAL D 73 -23.98 -32.26 -20.04
C VAL D 73 -24.67 -32.17 -18.66
N SER D 74 -25.99 -32.34 -18.64
CA SER D 74 -26.85 -31.96 -17.50
C SER D 74 -26.87 -32.98 -16.32
N GLU D 75 -27.20 -34.24 -16.62
CA GLU D 75 -27.17 -35.36 -15.65
C GLU D 75 -25.76 -35.58 -15.05
N GLU D 76 -25.59 -35.38 -13.73
CA GLU D 76 -24.24 -35.38 -13.13
C GLU D 76 -23.52 -36.72 -13.35
N PRO D 77 -22.19 -36.72 -13.34
CA PRO D 77 -21.35 -35.53 -13.14
C PRO D 77 -21.53 -34.48 -14.24
N ILE D 78 -21.55 -33.19 -13.87
CA ILE D 78 -21.85 -32.10 -14.81
C ILE D 78 -20.59 -31.62 -15.55
N TYR D 79 -20.77 -31.21 -16.81
CA TYR D 79 -19.71 -30.59 -17.58
C TYR D 79 -20.34 -29.50 -18.41
N ILE D 80 -20.04 -28.24 -18.09
CA ILE D 80 -20.33 -27.10 -18.95
C ILE D 80 -19.15 -26.91 -19.86
N VAL D 81 -19.37 -26.97 -21.15
CA VAL D 81 -18.31 -26.74 -22.12
C VAL D 81 -18.52 -25.37 -22.73
N THR D 82 -17.50 -24.52 -22.70
CA THR D 82 -17.60 -23.21 -23.34
C THR D 82 -16.41 -22.91 -24.25
N GLU D 83 -16.33 -21.68 -24.77
CA GLU D 83 -15.22 -21.30 -25.64
C GLU D 83 -13.95 -21.15 -24.80
N TYR D 84 -12.81 -21.53 -25.38
CA TYR D 84 -11.54 -21.38 -24.69
C TYR D 84 -11.01 -19.96 -24.78
N MET D 85 -10.64 -19.41 -23.62
CA MET D 85 -9.94 -18.13 -23.57
C MET D 85 -8.55 -18.44 -23.06
N SER D 86 -7.52 -18.11 -23.87
CA SER D 86 -6.20 -18.72 -23.75
C SER D 86 -5.19 -17.76 -23.14
N LYS D 87 -5.45 -16.74 -22.43
CA LYS D 87 -4.48 -16.02 -21.54
C LYS D 87 -4.97 -15.92 -20.08
N GLY D 88 -6.04 -16.65 -19.73
CA GLY D 88 -6.53 -16.68 -18.37
C GLY D 88 -7.21 -15.40 -17.98
N SER D 89 -7.51 -15.23 -16.70
CA SER D 89 -8.24 -14.02 -16.24
C SER D 89 -7.58 -12.70 -16.65
N LEU D 90 -8.31 -11.59 -16.59
CA LEU D 90 -7.68 -10.31 -16.88
C LEU D 90 -6.57 -10.11 -15.90
N LEU D 91 -6.81 -10.46 -14.63
CA LEU D 91 -5.87 -10.20 -13.51
C LEU D 91 -4.49 -10.84 -13.71
N ASP D 92 -4.48 -12.15 -13.98
CA ASP D 92 -3.26 -12.89 -14.30
C ASP D 92 -2.51 -12.25 -15.43
N PHE D 93 -3.21 -12.05 -16.54
CA PHE D 93 -2.62 -11.58 -17.78
C PHE D 93 -1.85 -10.28 -17.62
N LEU D 94 -2.45 -9.40 -16.85
CA LEU D 94 -2.11 -7.99 -16.75
C LEU D 94 -1.01 -7.77 -15.72
N LYS D 95 -1.76 -8.47 -14.36
CA LYS D 95 -1.05 -8.55 -13.10
C LYS D 95 0.20 -9.45 -13.23
N GLY D 96 0.32 -10.15 -14.38
CA GLY D 96 1.40 -11.07 -14.71
C GLY D 96 2.40 -10.52 -15.72
N GLU D 97 3.16 -11.40 -16.42
CA GLU D 97 4.35 -11.01 -17.21
C GLU D 97 4.07 -9.91 -18.23
N MET D 98 3.10 -10.10 -19.11
CA MET D 98 2.62 -9.14 -20.08
C MET D 98 2.10 -7.88 -19.41
N GLY D 99 1.45 -7.97 -18.29
CA GLY D 99 0.89 -6.80 -17.63
C GLY D 99 1.77 -5.55 -17.72
N LYS D 100 3.04 -5.69 -17.40
CA LYS D 100 3.89 -4.52 -17.32
C LYS D 100 4.09 -3.83 -18.66
N TYR D 101 3.89 -4.54 -19.78
CA TYR D 101 4.11 -3.93 -21.10
C TYR D 101 2.94 -3.12 -21.66
N LEU D 102 1.74 -3.30 -21.09
CA LEU D 102 0.53 -2.56 -21.51
C LEU D 102 0.62 -1.08 -21.13
N ARG D 103 0.18 -0.27 -22.07
CA ARG D 103 0.14 1.16 -21.88
C ARG D 103 -1.32 1.56 -22.08
N LEU D 104 -1.61 2.87 -22.08
CA LEU D 104 -2.99 3.34 -22.05
C LEU D 104 -3.77 2.98 -23.28
N PRO D 105 -3.26 3.23 -24.46
CA PRO D 105 -3.99 2.78 -25.66
C PRO D 105 -4.48 1.36 -25.52
N GLN D 106 -3.74 0.44 -24.92
CA GLN D 106 -4.14 -0.97 -24.88
C GLN D 106 -5.22 -1.22 -23.85
N LEU D 107 -5.02 -0.68 -22.63
CA LEU D 107 -5.99 -0.84 -21.54
C LEU D 107 -7.34 -0.16 -21.86
N VAL D 108 -7.28 0.94 -22.60
CA VAL D 108 -8.49 1.68 -22.94
C VAL D 108 -9.27 0.88 -23.94
N ASP D 109 -8.59 0.40 -24.97
CA ASP D 109 -9.20 -0.57 -25.88
C ASP D 109 -9.85 -1.80 -25.18
N MET D 110 -9.16 -2.46 -24.25
CA MET D 110 -9.75 -3.61 -23.51
C MET D 110 -11.07 -3.18 -22.90
N ALA D 111 -11.08 -1.98 -22.34
CA ALA D 111 -12.18 -1.44 -21.57
C ALA D 111 -13.37 -1.10 -22.48
N ALA D 112 -13.08 -0.59 -23.67
CA ALA D 112 -14.08 -0.35 -24.70
C ALA D 112 -14.77 -1.67 -25.06
N GLN D 113 -14.03 -2.79 -25.10
CA GLN D 113 -14.58 -4.13 -25.41
C GLN D 113 -15.49 -4.60 -24.32
N ILE D 114 -15.07 -4.45 -23.07
CA ILE D 114 -15.86 -4.92 -21.93
C ILE D 114 -17.19 -4.23 -21.95
N ALA D 115 -17.16 -2.94 -22.29
CA ALA D 115 -18.34 -2.09 -22.32
C ALA D 115 -19.23 -2.40 -23.51
N SER D 116 -18.64 -2.81 -24.61
CA SER D 116 -19.41 -3.27 -25.74
C SER D 116 -20.28 -4.46 -25.34
N GLY D 117 -19.75 -5.28 -24.44
CA GLY D 117 -20.44 -6.46 -23.97
C GLY D 117 -21.47 -6.11 -22.94
N MET D 118 -21.11 -5.18 -22.05
CA MET D 118 -22.02 -4.71 -21.02
C MET D 118 -23.07 -3.80 -21.61
N ALA D 119 -22.95 -3.47 -22.89
CA ALA D 119 -23.95 -2.68 -23.56
C ALA D 119 -24.90 -3.61 -24.30
N TYR D 120 -24.43 -4.77 -24.73
CA TYR D 120 -25.33 -5.83 -25.18
C TYR D 120 -26.12 -6.38 -23.99
N VAL D 121 -25.43 -6.69 -22.88
CA VAL D 121 -26.12 -7.00 -21.61
C VAL D 121 -27.25 -5.97 -21.37
N GLU D 122 -26.86 -4.69 -21.39
CA GLU D 122 -27.77 -3.54 -21.27
C GLU D 122 -29.00 -3.66 -22.16
N ARG D 123 -28.79 -3.79 -23.46
CA ARG D 123 -29.89 -3.80 -24.43
C ARG D 123 -30.93 -4.87 -24.12
N MET D 124 -30.46 -6.05 -23.69
CA MET D 124 -31.34 -7.18 -23.37
C MET D 124 -32.06 -7.06 -22.00
N ASN D 125 -31.98 -5.92 -21.31
CA ASN D 125 -32.49 -5.83 -19.93
C ASN D 125 -31.97 -6.93 -19.00
N TYR D 126 -30.69 -7.28 -19.14
CA TYR D 126 -30.02 -8.13 -18.15
C TYR D 126 -29.15 -7.30 -17.18
N VAL D 127 -28.68 -7.96 -16.12
CA VAL D 127 -27.93 -7.35 -15.04
C VAL D 127 -26.87 -8.35 -14.54
N HIS D 128 -25.61 -7.94 -14.55
CA HIS D 128 -24.47 -8.84 -14.32
C HIS D 128 -24.27 -9.18 -12.85
N ARG D 129 -24.18 -8.13 -12.04
CA ARG D 129 -24.14 -8.22 -10.56
C ARG D 129 -22.79 -8.55 -9.96
N ASP D 130 -21.75 -8.72 -10.78
CA ASP D 130 -20.41 -8.95 -10.25
C ASP D 130 -19.42 -8.73 -11.35
N LEU D 131 -19.37 -7.48 -11.78
CA LEU D 131 -18.52 -7.06 -12.85
C LEU D 131 -17.21 -6.56 -12.24
N ARG D 132 -16.18 -7.35 -12.45
CA ARG D 132 -14.83 -6.94 -12.14
C ARG D 132 -13.83 -7.77 -12.96
N ALA D 133 -12.62 -7.25 -13.10
CA ALA D 133 -11.54 -7.83 -13.91
C ALA D 133 -11.42 -9.37 -13.79
N ALA D 134 -11.57 -9.91 -12.56
CA ALA D 134 -11.50 -11.36 -12.26
C ALA D 134 -12.55 -12.21 -13.01
N ASN D 135 -13.68 -11.57 -13.31
CA ASN D 135 -14.75 -12.11 -14.13
C ASN D 135 -14.72 -11.68 -15.62
N ILE D 136 -13.60 -11.14 -16.13
CA ILE D 136 -13.41 -10.84 -17.57
C ILE D 136 -12.41 -11.88 -17.99
N LEU D 137 -12.48 -12.31 -19.23
CA LEU D 137 -11.51 -13.28 -19.73
C LEU D 137 -10.79 -12.68 -20.95
N VAL D 138 -9.58 -13.12 -21.18
CA VAL D 138 -8.73 -12.50 -22.18
C VAL D 138 -8.28 -13.57 -23.11
N GLY D 139 -7.98 -13.18 -24.33
CA GLY D 139 -7.57 -14.13 -25.35
C GLY D 139 -6.59 -13.53 -26.33
N GLU D 140 -6.44 -14.21 -27.45
CA GLU D 140 -5.45 -13.81 -28.45
C GLU D 140 -5.82 -12.41 -28.95
N ASN D 141 -4.82 -11.56 -29.18
CA ASN D 141 -5.03 -10.21 -29.71
C ASN D 141 -5.63 -9.25 -28.68
N LEU D 142 -5.27 -9.43 -27.41
CA LEU D 142 -5.80 -8.61 -26.33
C LEU D 142 -7.33 -8.47 -26.33
N VAL D 143 -8.03 -9.50 -26.83
CA VAL D 143 -9.50 -9.53 -26.81
C VAL D 143 -9.93 -9.77 -25.38
N CYS D 144 -11.09 -9.23 -25.01
CA CYS D 144 -11.62 -9.33 -23.65
C CYS D 144 -13.11 -9.62 -23.68
N LYS D 145 -13.55 -10.77 -23.19
CA LYS D 145 -14.98 -11.06 -23.14
C LYS D 145 -15.51 -11.16 -21.70
N VAL D 146 -16.61 -10.48 -21.46
CA VAL D 146 -17.40 -10.69 -20.26
C VAL D 146 -17.86 -12.14 -20.24
N ALA D 147 -18.12 -12.66 -19.05
CA ALA D 147 -18.88 -13.91 -18.85
C ALA D 147 -18.59 -14.52 -17.51
N ASP D 148 -19.24 -15.67 -17.26
CA ASP D 148 -18.70 -16.72 -16.36
C ASP D 148 -19.54 -18.00 -16.40
N PHE D 168 -16.97 -11.76 -0.64
CA PHE D 168 -18.00 -10.74 -0.99
C PHE D 168 -17.32 -9.46 -1.52
N PRO D 169 -17.66 -9.05 -2.75
CA PRO D 169 -16.91 -8.02 -3.48
C PRO D 169 -17.59 -6.68 -3.26
N ILE D 170 -17.51 -6.19 -2.02
CA ILE D 170 -18.08 -4.91 -1.65
C ILE D 170 -17.38 -3.75 -2.36
N LYS D 171 -16.06 -3.87 -2.54
CA LYS D 171 -15.21 -2.80 -3.07
C LYS D 171 -15.54 -2.47 -4.53
N TRP D 172 -16.06 -3.45 -5.27
CA TRP D 172 -16.45 -3.22 -6.68
C TRP D 172 -17.92 -2.92 -6.89
N THR D 173 -18.73 -3.02 -5.82
CA THR D 173 -20.20 -2.95 -5.85
C THR D 173 -20.75 -1.60 -5.43
N ALA D 174 -21.79 -1.14 -6.11
CA ALA D 174 -22.37 0.20 -5.88
C ALA D 174 -23.01 0.30 -4.52
N PRO D 175 -23.04 1.49 -3.91
CA PRO D 175 -23.57 1.67 -2.53
C PRO D 175 -24.96 1.09 -2.34
N GLU D 176 -25.88 1.56 -3.17
CA GLU D 176 -27.25 1.06 -3.20
C GLU D 176 -27.41 -0.48 -3.28
N ALA D 177 -26.42 -1.20 -3.80
CA ALA D 177 -26.42 -2.66 -3.87
C ALA D 177 -25.75 -3.24 -2.64
N ALA D 178 -24.66 -2.59 -2.25
CA ALA D 178 -23.85 -3.02 -1.11
C ALA D 178 -24.60 -3.02 0.20
N LEU D 179 -25.67 -2.23 0.26
CA LEU D 179 -26.38 -1.93 1.47
C LEU D 179 -27.86 -2.35 1.40
N TYR D 180 -28.52 -1.99 0.31
CA TYR D 180 -29.98 -2.16 0.14
C TYR D 180 -30.32 -3.23 -0.91
N GLY D 181 -29.29 -3.81 -1.53
CA GLY D 181 -29.45 -4.90 -2.47
C GLY D 181 -30.15 -4.56 -3.77
N ARG D 182 -30.07 -3.31 -4.22
CA ARG D 182 -30.61 -2.89 -5.51
C ARG D 182 -29.55 -2.98 -6.57
N PHE D 183 -29.44 -4.16 -7.15
CA PHE D 183 -28.62 -4.32 -8.34
C PHE D 183 -29.40 -3.88 -9.62
N THR D 184 -28.79 -2.98 -10.39
CA THR D 184 -29.31 -2.56 -11.67
C THR D 184 -28.14 -2.37 -12.60
N ILE D 185 -28.44 -2.24 -13.89
CA ILE D 185 -27.38 -2.03 -14.89
C ILE D 185 -26.58 -0.78 -14.56
N LYS D 186 -27.20 0.19 -13.87
CA LYS D 186 -26.49 1.38 -13.40
C LYS D 186 -25.56 1.05 -12.22
N SER D 187 -25.99 0.16 -11.34
CA SER D 187 -25.10 -0.38 -10.32
C SER D 187 -23.97 -1.21 -10.94
N ASP D 188 -24.16 -1.67 -12.20
CA ASP D 188 -23.09 -2.37 -12.93
C ASP D 188 -22.04 -1.38 -13.45
N VAL D 189 -22.53 -0.23 -13.90
CA VAL D 189 -21.72 0.88 -14.36
C VAL D 189 -20.76 1.29 -13.25
N TRP D 190 -21.22 1.27 -12.00
CA TRP D 190 -20.38 1.63 -10.86
C TRP D 190 -19.12 0.77 -10.79
N SER D 191 -19.32 -0.54 -10.92
CA SER D 191 -18.23 -1.48 -10.91
C SER D 191 -17.31 -1.25 -12.12
N PHE D 192 -17.89 -0.79 -13.22
CA PHE D 192 -17.14 -0.54 -14.47
C PHE D 192 -16.10 0.43 -14.09
N GLY D 193 -16.53 1.53 -13.51
CA GLY D 193 -15.59 2.52 -13.01
C GLY D 193 -14.53 2.00 -12.03
N ILE D 194 -14.93 1.14 -11.10
CA ILE D 194 -13.94 0.46 -10.26
C ILE D 194 -12.98 -0.37 -11.14
N LEU D 195 -13.54 -1.08 -12.12
CA LEU D 195 -12.78 -1.88 -13.09
C LEU D 195 -11.82 -1.05 -13.92
N LEU D 196 -12.17 0.22 -14.20
CA LEU D 196 -11.25 1.21 -14.77
C LEU D 196 -10.05 1.47 -13.87
N THR D 197 -10.22 1.48 -12.57
CA THR D 197 -9.03 1.57 -11.73
C THR D 197 -8.16 0.34 -11.89
N GLU D 198 -8.77 -0.84 -12.08
CA GLU D 198 -8.02 -2.11 -12.23
C GLU D 198 -7.15 -2.10 -13.48
N LEU D 199 -7.74 -1.73 -14.61
CA LEU D 199 -7.01 -1.60 -15.85
C LEU D 199 -5.89 -0.56 -15.73
N THR D 200 -6.12 0.52 -14.98
CA THR D 200 -5.25 1.70 -15.05
C THR D 200 -4.05 1.62 -14.10
N THR D 201 -4.09 0.68 -13.16
CA THR D 201 -3.02 0.42 -12.19
C THR D 201 -2.53 -1.00 -12.39
N LYS D 202 -3.09 -1.68 -13.38
CA LYS D 202 -2.66 -3.00 -13.77
C LYS D 202 -2.73 -4.02 -12.67
N GLY D 203 -3.91 -4.19 -12.09
CA GLY D 203 -4.24 -5.36 -11.27
C GLY D 203 -4.62 -5.11 -9.79
N ARG D 204 -4.34 -3.90 -9.34
CA ARG D 204 -4.43 -3.55 -7.93
C ARG D 204 -5.86 -3.52 -7.38
N VAL D 205 -5.99 -3.97 -6.14
CA VAL D 205 -7.27 -3.93 -5.43
C VAL D 205 -7.62 -2.46 -5.34
N PRO D 206 -8.89 -2.09 -5.52
CA PRO D 206 -9.28 -0.68 -5.38
C PRO D 206 -9.16 -0.26 -3.94
N TYR D 207 -9.08 1.04 -3.70
CA TYR D 207 -9.07 1.58 -2.34
C TYR D 207 -7.90 0.89 -1.55
N PRO D 208 -6.68 1.09 -2.01
CA PRO D 208 -5.52 0.38 -1.46
C PRO D 208 -5.28 0.63 0.06
N GLY D 209 -5.02 -0.46 0.81
CA GLY D 209 -4.89 -0.39 2.25
C GLY D 209 -6.16 0.04 2.98
N MET D 210 -7.33 -0.29 2.42
CA MET D 210 -8.62 -0.14 3.11
C MET D 210 -9.34 -1.50 3.20
N VAL D 211 -9.87 -1.77 4.39
CA VAL D 211 -10.76 -2.90 4.62
C VAL D 211 -12.16 -2.44 4.20
N ASN D 212 -13.12 -3.36 4.18
CA ASN D 212 -14.43 -3.04 3.60
C ASN D 212 -15.23 -2.01 4.37
N ARG D 213 -15.10 -2.01 5.70
CA ARG D 213 -15.89 -1.07 6.47
C ARG D 213 -15.49 0.38 6.14
N GLU D 214 -14.21 0.63 5.84
CA GLU D 214 -13.78 1.99 5.42
C GLU D 214 -14.34 2.40 4.05
N VAL D 215 -14.35 1.44 3.15
CA VAL D 215 -14.86 1.65 1.79
C VAL D 215 -16.35 2.01 1.84
N LEU D 216 -17.13 1.26 2.62
CA LEU D 216 -18.52 1.61 2.85
C LEU D 216 -18.64 2.93 3.59
N ASP D 217 -17.80 3.12 4.60
CA ASP D 217 -17.85 4.34 5.42
C ASP D 217 -17.63 5.56 4.55
N GLN D 218 -16.59 5.50 3.75
CA GLN D 218 -16.01 6.67 3.10
C GLN D 218 -16.70 7.09 1.81
N VAL D 219 -17.12 6.10 1.01
CA VAL D 219 -17.95 6.34 -0.17
C VAL D 219 -19.28 6.94 0.25
N GLU D 220 -19.76 6.54 1.43
CA GLU D 220 -20.97 7.10 2.05
C GLU D 220 -20.87 8.58 2.48
N ARG D 221 -19.67 8.98 2.93
CA ARG D 221 -19.35 10.37 3.25
C ARG D 221 -18.84 11.15 2.01
N GLY D 222 -18.69 10.44 0.88
CA GLY D 222 -18.45 11.06 -0.42
C GLY D 222 -17.08 10.86 -1.04
N TYR D 223 -16.18 10.19 -0.32
CA TYR D 223 -14.85 9.83 -0.83
C TYR D 223 -14.91 9.16 -2.17
N ARG D 224 -13.85 9.28 -2.96
CA ARG D 224 -13.74 8.57 -4.22
C ARG D 224 -12.29 8.37 -4.56
N MET D 225 -11.96 7.20 -5.10
CA MET D 225 -10.58 6.89 -5.47
C MET D 225 -10.07 8.02 -6.31
N PRO D 226 -8.87 8.48 -5.99
CA PRO D 226 -8.27 9.54 -6.78
C PRO D 226 -7.94 9.04 -8.17
N CYS D 227 -7.25 9.90 -8.86
CA CYS D 227 -6.69 9.60 -10.14
C CYS D 227 -5.39 8.74 -9.97
N PRO D 228 -5.37 7.48 -10.42
CA PRO D 228 -4.16 6.68 -10.29
C PRO D 228 -2.92 7.31 -10.95
N PRO D 229 -1.71 6.97 -10.52
CA PRO D 229 -0.48 7.37 -11.21
C PRO D 229 -0.57 7.53 -12.75
N GLU D 230 -0.17 8.71 -13.26
CA GLU D 230 -0.10 8.96 -14.69
C GLU D 230 -1.39 8.74 -15.46
N CYS D 231 -2.51 8.68 -14.79
CA CYS D 231 -3.73 8.35 -15.50
C CYS D 231 -4.37 9.63 -15.98
N PRO D 232 -4.43 9.84 -17.29
CA PRO D 232 -4.94 11.11 -17.82
C PRO D 232 -6.26 11.43 -17.15
N GLU D 233 -6.56 12.71 -17.08
CA GLU D 233 -7.60 13.21 -16.18
C GLU D 233 -8.97 13.08 -16.84
N SER D 234 -8.98 12.95 -18.17
CA SER D 234 -10.17 12.54 -18.90
C SER D 234 -10.65 11.11 -18.57
N LEU D 235 -9.73 10.18 -18.29
CA LEU D 235 -10.12 8.88 -17.75
C LEU D 235 -10.81 9.03 -16.40
N HIS D 236 -10.19 9.71 -15.44
CA HIS D 236 -10.76 9.81 -14.07
C HIS D 236 -12.14 10.43 -14.03
N ASP D 237 -12.39 11.39 -14.92
CA ASP D 237 -13.65 12.07 -14.96
C ASP D 237 -14.76 11.04 -15.18
N LEU D 238 -14.50 10.13 -16.13
CA LEU D 238 -15.41 9.06 -16.52
C LEU D 238 -15.49 7.95 -15.48
N MET D 239 -14.53 7.89 -14.56
CA MET D 239 -14.67 7.02 -13.40
C MET D 239 -15.62 7.70 -12.43
N CYS D 240 -15.43 8.99 -12.21
CA CYS D 240 -16.35 9.77 -11.37
C CYS D 240 -17.77 9.84 -11.91
N GLN D 241 -17.91 9.82 -13.23
CA GLN D 241 -19.22 9.66 -13.89
C GLN D 241 -19.84 8.27 -13.55
N CYS D 242 -19.06 7.21 -13.60
CA CYS D 242 -19.53 5.92 -13.11
C CYS D 242 -19.82 5.90 -11.58
N TRP D 243 -19.21 6.78 -10.80
CA TRP D 243 -19.38 6.73 -9.33
C TRP D 243 -20.32 7.80 -8.78
N ARG D 244 -21.21 8.33 -9.61
CA ARG D 244 -22.22 9.28 -9.17
C ARG D 244 -23.11 8.61 -8.10
N LYS D 245 -23.40 9.33 -7.00
CA LYS D 245 -24.27 8.76 -5.96
C LYS D 245 -25.59 8.26 -6.56
N ASP D 246 -26.22 9.10 -7.37
CA ASP D 246 -27.57 8.84 -7.85
C ASP D 246 -27.55 8.04 -9.15
N PRO D 247 -28.01 6.78 -9.07
CA PRO D 247 -27.64 5.78 -10.08
C PRO D 247 -28.23 6.06 -11.44
N GLU D 248 -29.39 6.72 -11.49
CA GLU D 248 -30.01 7.16 -12.74
C GLU D 248 -29.15 8.14 -13.59
N GLU D 249 -27.99 8.54 -13.08
CA GLU D 249 -27.18 9.58 -13.71
C GLU D 249 -25.92 8.98 -14.31
N ARG D 250 -25.37 7.98 -13.64
CA ARG D 250 -24.25 7.28 -14.22
C ARG D 250 -24.53 7.01 -15.71
N PRO D 251 -23.53 7.10 -16.58
CA PRO D 251 -23.77 6.97 -18.02
C PRO D 251 -24.00 5.53 -18.43
N THR D 252 -24.65 5.30 -19.57
CA THR D 252 -24.88 3.95 -20.09
C THR D 252 -23.61 3.33 -20.64
N PHE D 253 -23.60 2.01 -20.69
CA PHE D 253 -22.52 1.28 -21.39
C PHE D 253 -22.36 1.71 -22.88
N GLU D 254 -23.46 2.12 -23.52
CA GLU D 254 -23.41 2.68 -24.85
C GLU D 254 -22.64 4.03 -24.86
N TYR D 255 -22.83 4.90 -23.88
CA TYR D 255 -22.02 6.09 -23.83
C TYR D 255 -20.58 5.63 -23.53
N LEU D 256 -20.42 4.84 -22.47
CA LEU D 256 -19.09 4.44 -22.03
C LEU D 256 -18.29 3.95 -23.20
N GLN D 257 -18.91 3.06 -24.00
CA GLN D 257 -18.27 2.30 -25.07
C GLN D 257 -17.71 3.24 -26.09
N ALA D 258 -18.54 4.18 -26.53
CA ALA D 258 -18.16 5.12 -27.59
C ALA D 258 -17.04 6.06 -27.16
N PHE D 259 -17.15 6.54 -25.93
CA PHE D 259 -16.13 7.38 -25.34
C PHE D 259 -14.78 6.67 -25.38
N LEU D 260 -14.78 5.35 -25.11
CA LEU D 260 -13.52 4.64 -24.98
C LEU D 260 -13.02 4.26 -26.36
N GLU D 261 -13.93 4.25 -27.32
CA GLU D 261 -13.58 3.88 -28.66
C GLU D 261 -12.84 5.05 -29.33
N ASP D 262 -13.25 6.27 -28.99
CA ASP D 262 -12.75 7.47 -29.64
C ASP D 262 -11.72 8.16 -28.78
N TYR D 263 -11.29 7.49 -27.70
CA TYR D 263 -10.52 8.19 -26.65
C TYR D 263 -9.36 9.01 -27.25
N PHE D 264 -8.59 8.37 -28.13
CA PHE D 264 -7.36 8.98 -28.58
C PHE D 264 -7.47 9.97 -29.74
N THR D 265 -8.68 10.24 -30.20
CA THR D 265 -8.92 11.27 -31.21
C THR D 265 -9.71 12.44 -30.62
N SER D 266 -10.79 12.13 -29.90
CA SER D 266 -11.73 13.13 -29.40
C SER D 266 -11.37 13.71 -28.04
N THR D 267 -10.70 12.92 -27.21
CA THR D 267 -10.47 13.29 -25.81
C THR D 267 -9.00 13.61 -25.46
#